data_4Y9L
#
_entry.id   4Y9L
#
_cell.length_a   137.925
_cell.length_b   113.396
_cell.length_c   113.901
_cell.angle_alpha   90.000
_cell.angle_beta   123.980
_cell.angle_gamma   90.000
#
_symmetry.space_group_name_H-M   'C 1 2 1'
#
loop_
_entity.id
_entity.type
_entity.pdbx_description
1 polymer 'Protein ACDH-11, isoform b'
2 non-polymer 'FLAVIN-ADENINE DINUCLEOTIDE'
3 water water
#
_entity_poly.entity_id   1
_entity_poly.type   'polypeptide(L)'
_entity_poly.pdbx_seq_one_letter_code
;TITARHTQYSHAKTGGFSQTGPTLHNPYKDDPILDRTLRRLLPESEYMRVAADLSKFGDRITSEVEHLGRQAELEQPRLE
HQDAWGKRVDKLIVCNEWHKLKQICAEEGVISIGYEDSVDPFVRRIHQVAKLFLFSPSAGLVSCPMAMTDGAVKTLTSLN
LYGKHKLATEAVDRLRSRDPSKAWTSGQWMTEKKGGSDVAGGCDTYAVQIDKDTYRLHGYKWFSSAVDADVALTLARIVD
SDGNALEGSRGLSLFLLKIRDESGNLNGIQMVRLKNKLGTKQLPTAELLLDGAIAERIGDQGRGVAGISNMLNITRIHNA
VASLGYMRRIISLARDYSTKRVVFGQTQSKWPLHTTTLAKMEVDTRGSMLLLFEAARLLGLSEAGKSSDVEAMMLRLITP
VLKLYAGKQAVPMVSEGIECFGGQGYMEDTGLPTLLRDAQVTPIWEGTTNVLSLDVLRVFSGKENILLAFGKRVEQLLGN
TKTEDEKLKKSKEAVESALKQLQKLLVKASDSAIQGETRIDSVARHIAFTIARIYSGALLIDHASDSSVANQSDIEVAYR
YCCEQPLIDLRWEWFASERVKADREIVFDNFTA
;
_entity_poly.pdbx_strand_id   A,B
#
# COMPACT_ATOMS: atom_id res chain seq x y z
N THR A 1 62.73 23.12 -2.14
CA THR A 1 62.22 22.36 -3.32
C THR A 1 61.84 20.96 -2.94
N ILE A 2 60.63 20.56 -3.33
CA ILE A 2 60.03 19.29 -2.93
C ILE A 2 59.22 18.65 -4.07
N THR A 3 58.87 17.39 -3.96
CA THR A 3 58.10 16.80 -5.03
C THR A 3 56.60 17.10 -4.77
N ALA A 4 55.95 17.61 -5.80
CA ALA A 4 54.60 18.10 -5.69
C ALA A 4 53.74 16.94 -5.32
N ARG A 5 52.54 17.23 -4.79
CA ARG A 5 51.62 16.22 -4.28
C ARG A 5 50.18 16.41 -4.81
N HIS A 6 50.09 16.90 -6.05
CA HIS A 6 48.80 17.05 -6.73
C HIS A 6 48.14 15.70 -6.92
N THR A 7 48.93 14.64 -7.01
CA THR A 7 48.41 13.27 -7.21
C THR A 7 47.67 12.76 -5.95
N GLN A 8 48.04 13.30 -4.78
CA GLN A 8 47.46 12.92 -3.49
C GLN A 8 46.11 13.59 -3.13
N TYR A 9 45.61 14.48 -3.98
CA TYR A 9 44.30 15.06 -3.78
C TYR A 9 43.43 14.72 -4.97
N SER A 10 42.39 13.91 -4.75
CA SER A 10 41.70 13.31 -5.85
C SER A 10 40.29 12.87 -5.47
N HIS A 11 39.28 13.27 -6.24
CA HIS A 11 37.95 12.84 -5.93
C HIS A 11 37.87 11.33 -6.09
N ALA A 12 36.85 10.74 -5.46
CA ALA A 12 36.59 9.31 -5.52
C ALA A 12 36.04 8.97 -6.90
N LYS A 13 36.44 7.80 -7.42
CA LYS A 13 35.81 7.26 -8.62
C LYS A 13 34.81 6.19 -8.29
N THR A 14 33.65 6.28 -8.90
CA THR A 14 32.52 5.44 -8.56
C THR A 14 31.93 4.71 -9.76
N GLY A 15 32.75 4.56 -10.81
CA GLY A 15 32.44 3.75 -12.00
C GLY A 15 31.87 4.46 -13.23
N GLY A 16 31.51 5.74 -13.14
CA GLY A 16 30.96 6.45 -14.29
C GLY A 16 29.43 6.32 -14.49
N PHE A 17 28.79 5.25 -14.04
CA PHE A 17 27.38 5.11 -14.32
C PHE A 17 26.45 5.68 -13.18
N SER A 18 25.34 6.27 -13.59
CA SER A 18 24.26 6.45 -12.68
C SER A 18 22.97 6.58 -13.49
N GLN A 19 21.88 6.11 -12.93
CA GLN A 19 20.62 6.00 -13.65
C GLN A 19 19.91 7.33 -13.73
N THR A 20 19.42 7.63 -14.93
CA THR A 20 18.54 8.75 -15.12
C THR A 20 17.19 8.40 -14.50
N GLY A 21 16.74 9.22 -13.53
CA GLY A 21 15.41 9.06 -12.95
C GLY A 21 14.28 9.51 -13.87
N PRO A 22 13.04 9.39 -13.38
CA PRO A 22 11.94 9.71 -14.27
C PRO A 22 11.72 11.20 -14.47
N THR A 23 11.20 11.55 -15.64
CA THR A 23 10.84 12.90 -15.98
C THR A 23 9.34 13.10 -15.80
N LEU A 24 9.00 14.14 -15.05
CA LEU A 24 7.63 14.65 -15.00
C LEU A 24 7.32 15.53 -16.26
N HIS A 25 6.43 15.06 -17.10
CA HIS A 25 6.06 15.81 -18.29
C HIS A 25 4.84 16.64 -18.03
N ASN A 26 4.60 17.63 -18.87
CA ASN A 26 3.42 18.50 -18.70
C ASN A 26 2.17 17.66 -18.46
N PRO A 27 1.60 17.76 -17.29
CA PRO A 27 0.64 16.72 -17.02
C PRO A 27 -0.68 16.88 -17.71
N TYR A 28 -0.90 17.97 -18.43
CA TYR A 28 -2.13 18.10 -19.17
C TYR A 28 -1.87 17.45 -20.53
N LYS A 29 -0.72 17.76 -21.13
CA LYS A 29 -0.40 17.21 -22.47
C LYS A 29 -0.14 15.71 -22.43
N ASP A 30 0.57 15.29 -21.40
CA ASP A 30 0.96 13.88 -21.25
C ASP A 30 -0.20 12.95 -20.91
N ASP A 31 -1.31 13.48 -20.36
CA ASP A 31 -2.36 12.62 -19.84
C ASP A 31 -3.02 11.96 -20.99
N PRO A 32 -3.19 10.65 -20.89
CA PRO A 32 -3.71 9.95 -22.05
C PRO A 32 -5.14 10.25 -22.31
N ILE A 33 -5.93 10.64 -21.32
CA ILE A 33 -7.35 10.75 -21.60
C ILE A 33 -8.03 12.07 -21.25
N LEU A 34 -7.32 12.91 -20.52
CA LEU A 34 -7.93 14.14 -20.02
C LEU A 34 -8.32 15.08 -21.13
N ASP A 35 -7.42 15.35 -22.06
CA ASP A 35 -7.77 16.24 -23.19
C ASP A 35 -8.93 15.65 -23.97
N ARG A 36 -8.91 14.35 -24.27
CA ARG A 36 -9.98 13.82 -25.12
C ARG A 36 -11.32 13.93 -24.41
N THR A 37 -11.29 13.76 -23.09
CA THR A 37 -12.50 13.77 -22.27
C THR A 37 -13.09 15.14 -22.24
N LEU A 38 -12.22 16.14 -22.13
CA LEU A 38 -12.64 17.53 -22.20
C LEU A 38 -13.16 17.88 -23.56
N ARG A 39 -12.48 17.40 -24.59
CA ARG A 39 -12.96 17.62 -25.98
C ARG A 39 -14.44 17.18 -26.08
N ARG A 40 -14.77 15.99 -25.60
CA ARG A 40 -16.14 15.49 -25.74
C ARG A 40 -17.06 16.26 -24.86
N LEU A 41 -16.65 16.65 -23.67
CA LEU A 41 -17.67 17.14 -22.74
C LEU A 41 -17.99 18.62 -22.89
N LEU A 42 -17.06 19.42 -23.38
CA LEU A 42 -17.26 20.84 -23.44
C LEU A 42 -17.50 21.27 -24.84
N PRO A 43 -18.37 22.30 -25.02
CA PRO A 43 -18.55 22.97 -26.32
C PRO A 43 -17.21 23.61 -26.71
N GLU A 44 -16.93 23.71 -28.01
CA GLU A 44 -15.59 23.89 -28.49
C GLU A 44 -14.90 25.13 -27.94
N SER A 45 -15.67 26.21 -27.76
CA SER A 45 -15.11 27.51 -27.40
C SER A 45 -14.70 27.49 -25.93
N GLU A 46 -15.45 26.74 -25.13
CA GLU A 46 -15.09 26.52 -23.72
C GLU A 46 -13.91 25.60 -23.60
N TYR A 47 -13.92 24.50 -24.37
CA TYR A 47 -12.76 23.60 -24.43
C TYR A 47 -11.54 24.42 -24.74
N MET A 48 -11.58 25.24 -25.77
CA MET A 48 -10.36 25.95 -26.15
C MET A 48 -9.85 26.84 -25.02
N ARG A 49 -10.77 27.57 -24.38
CA ARG A 49 -10.35 28.38 -23.27
C ARG A 49 -9.77 27.46 -22.18
N VAL A 50 -10.51 26.43 -21.84
CA VAL A 50 -10.12 25.60 -20.70
C VAL A 50 -8.76 24.88 -20.88
N ALA A 51 -8.58 24.29 -22.06
CA ALA A 51 -7.36 23.60 -22.42
C ALA A 51 -6.17 24.50 -22.31
N ALA A 52 -6.29 25.68 -22.90
CA ALA A 52 -5.21 26.67 -22.88
C ALA A 52 -4.86 27.00 -21.41
N ASP A 53 -5.86 27.26 -20.58
CA ASP A 53 -5.57 27.56 -19.18
C ASP A 53 -4.85 26.39 -18.49
N LEU A 54 -5.27 25.17 -18.79
CA LEU A 54 -4.70 23.97 -18.18
C LEU A 54 -3.31 23.64 -18.75
N SER A 55 -3.20 23.75 -20.07
CA SER A 55 -1.91 23.52 -20.72
C SER A 55 -0.86 24.40 -20.14
N LYS A 56 -1.13 25.69 -20.11
CA LYS A 56 -0.27 26.63 -19.39
C LYS A 56 0.00 26.21 -17.93
N PHE A 57 -1.04 25.85 -17.19
CA PHE A 57 -0.85 25.43 -15.78
C PHE A 57 0.00 24.16 -15.65
N GLY A 58 -0.13 23.29 -16.65
CA GLY A 58 0.76 22.12 -16.82
C GLY A 58 2.22 22.51 -16.75
N ASP A 59 2.52 23.60 -17.42
CA ASP A 59 3.91 24.10 -17.47
C ASP A 59 4.30 24.68 -16.13
N ARG A 60 3.34 25.33 -15.47
CA ARG A 60 3.64 25.90 -14.19
C ARG A 60 3.87 24.81 -13.16
N ILE A 61 3.25 23.66 -13.38
CA ILE A 61 3.40 22.51 -12.52
C ILE A 61 4.81 21.91 -12.60
N THR A 62 5.29 21.62 -13.81
CA THR A 62 6.63 21.13 -13.99
C THR A 62 7.66 22.19 -13.64
N SER A 63 7.44 23.46 -13.99
CA SER A 63 8.50 24.45 -13.75
C SER A 63 8.58 24.98 -12.29
N GLU A 64 7.48 24.91 -11.53
CA GLU A 64 7.39 25.54 -10.20
C GLU A 64 6.70 24.71 -9.10
N VAL A 65 5.50 24.21 -9.33
CA VAL A 65 4.67 23.71 -8.21
C VAL A 65 5.25 22.43 -7.62
N GLU A 66 5.55 21.49 -8.52
CA GLU A 66 6.19 20.24 -8.17
C GLU A 66 7.27 20.49 -7.15
N HIS A 67 8.24 21.34 -7.50
CA HIS A 67 9.31 21.64 -6.59
C HIS A 67 8.76 22.21 -5.29
N LEU A 68 7.78 23.09 -5.37
CA LEU A 68 7.20 23.63 -4.14
C LEU A 68 6.62 22.55 -3.26
N GLY A 69 5.89 21.63 -3.84
CA GLY A 69 5.19 20.59 -3.06
C GLY A 69 6.21 19.71 -2.39
N ARG A 70 7.28 19.38 -3.13
CA ARG A 70 8.38 18.57 -2.60
C ARG A 70 8.98 19.17 -1.33
N GLN A 71 9.22 20.47 -1.39
CA GLN A 71 9.73 21.24 -0.26
C GLN A 71 8.81 21.28 0.95
N ALA A 72 7.52 21.30 0.73
CA ALA A 72 6.61 21.27 1.86
C ALA A 72 6.68 19.92 2.56
N GLU A 73 7.07 18.87 1.85
CA GLU A 73 7.34 17.59 2.49
C GLU A 73 8.72 17.63 3.20
N LEU A 74 9.71 18.24 2.55
CA LEU A 74 10.99 18.31 3.16
C LEU A 74 11.06 19.23 4.36
N GLU A 75 10.10 20.13 4.56
CA GLU A 75 10.17 21.07 5.70
C GLU A 75 8.83 21.15 6.43
N GLN A 76 8.60 20.12 7.21
CA GLN A 76 7.32 19.85 7.82
C GLN A 76 6.94 20.85 8.84
N PRO A 77 5.64 21.08 9.03
CA PRO A 77 5.13 21.97 10.05
C PRO A 77 5.60 21.63 11.43
N ARG A 78 5.84 22.63 12.25
CA ARG A 78 6.17 22.49 13.66
C ARG A 78 5.29 23.38 14.49
N LEU A 79 5.17 23.07 15.77
CA LEU A 79 4.29 23.75 16.71
C LEU A 79 5.10 24.08 17.97
N GLU A 80 5.06 25.35 18.43
CA GLU A 80 5.63 25.72 19.73
C GLU A 80 4.58 26.29 20.67
N HIS A 81 4.34 25.57 21.75
CA HIS A 81 3.37 25.99 22.73
C HIS A 81 3.68 27.35 23.30
N GLN A 82 4.91 27.52 23.81
CA GLN A 82 5.38 28.73 24.48
C GLN A 82 6.49 29.46 23.72
N ASP A 83 6.53 30.78 23.92
CA ASP A 83 7.63 31.57 23.51
C ASP A 83 8.64 31.33 24.61
N ALA A 84 9.68 32.14 24.64
CA ALA A 84 10.80 31.85 25.51
C ALA A 84 10.60 32.41 26.90
N TRP A 85 9.62 33.29 27.07
CA TRP A 85 9.50 34.09 28.29
C TRP A 85 8.27 33.70 29.16
N GLY A 86 7.69 32.54 28.85
CA GLY A 86 6.65 31.90 29.61
C GLY A 86 5.27 32.11 29.01
N LYS A 87 5.19 32.85 27.92
CA LYS A 87 3.93 33.20 27.27
C LYS A 87 3.43 32.02 26.43
N ARG A 88 2.17 31.61 26.66
CA ARG A 88 1.47 30.71 25.73
C ARG A 88 1.12 31.41 24.37
N VAL A 89 1.57 30.82 23.27
CA VAL A 89 1.43 31.41 21.93
C VAL A 89 0.96 30.42 20.84
N ASP A 90 1.27 29.13 20.97
CA ASP A 90 0.79 28.16 20.01
C ASP A 90 1.33 28.52 18.64
N LYS A 91 2.62 28.79 18.50
CA LYS A 91 3.09 29.21 17.21
C LYS A 91 3.20 28.05 16.23
N LEU A 92 2.50 28.20 15.12
CA LEU A 92 2.57 27.24 14.07
C LEU A 92 3.65 27.63 13.06
N ILE A 93 4.70 26.87 12.95
CA ILE A 93 5.78 27.18 12.02
C ILE A 93 5.66 26.31 10.74
N VAL A 94 5.32 26.92 9.61
CA VAL A 94 5.10 26.19 8.35
C VAL A 94 5.97 26.80 7.23
N CYS A 95 6.52 25.97 6.35
CA CYS A 95 7.52 26.49 5.44
C CYS A 95 6.97 27.53 4.46
N ASN A 96 7.87 28.31 3.85
CA ASN A 96 7.41 29.35 2.87
C ASN A 96 6.65 28.75 1.72
N GLU A 97 7.02 27.52 1.34
CA GLU A 97 6.50 26.94 0.11
C GLU A 97 5.03 26.56 0.27
N TRP A 98 4.63 26.14 1.47
CA TRP A 98 3.21 25.91 1.77
C TRP A 98 2.43 27.17 1.44
N HIS A 99 2.91 28.29 1.97
CA HIS A 99 2.24 29.56 1.81
C HIS A 99 2.18 29.93 0.37
N LYS A 100 3.31 29.78 -0.30
CA LYS A 100 3.41 30.05 -1.74
C LYS A 100 2.41 29.20 -2.51
N LEU A 101 2.29 27.93 -2.14
CA LEU A 101 1.31 27.07 -2.78
C LEU A 101 -0.14 27.60 -2.64
N LYS A 102 -0.49 28.01 -1.42
CA LYS A 102 -1.77 28.61 -1.21
C LYS A 102 -2.00 29.82 -2.12
N GLN A 103 -0.97 30.60 -2.38
CA GLN A 103 -1.19 31.80 -3.20
C GLN A 103 -1.37 31.42 -4.66
N ILE A 104 -0.67 30.40 -5.09
CA ILE A 104 -0.82 29.91 -6.45
C ILE A 104 -2.24 29.41 -6.63
N CYS A 105 -2.78 28.77 -5.60
CA CYS A 105 -4.19 28.38 -5.63
C CYS A 105 -5.14 29.56 -5.84
N ALA A 106 -4.86 30.65 -5.15
CA ALA A 106 -5.64 31.86 -5.39
C ALA A 106 -5.38 32.38 -6.81
N GLU A 107 -4.09 32.57 -7.20
CA GLU A 107 -3.74 33.15 -8.53
C GLU A 107 -4.40 32.38 -9.67
N GLU A 108 -4.46 31.06 -9.51
CA GLU A 108 -4.88 30.12 -10.53
C GLU A 108 -6.36 29.74 -10.38
N GLY A 109 -7.05 30.28 -9.35
CA GLY A 109 -8.52 30.16 -9.24
C GLY A 109 -8.98 28.75 -9.02
N VAL A 110 -8.20 28.03 -8.28
CA VAL A 110 -8.50 26.65 -8.07
C VAL A 110 -9.84 26.53 -7.32
N ILE A 111 -10.19 27.54 -6.53
CA ILE A 111 -11.54 27.65 -5.99
C ILE A 111 -12.41 28.51 -6.86
N SER A 112 -11.88 29.64 -7.36
CA SER A 112 -12.71 30.62 -8.06
C SER A 112 -13.40 30.01 -9.25
N ILE A 113 -12.65 29.22 -10.03
CA ILE A 113 -13.17 28.70 -11.27
C ILE A 113 -14.47 27.99 -11.03
N GLY A 114 -14.61 27.27 -9.93
CA GLY A 114 -15.87 26.57 -9.64
C GLY A 114 -17.09 27.41 -9.34
N TYR A 115 -16.92 28.71 -9.06
CA TYR A 115 -18.01 29.63 -8.73
C TYR A 115 -18.15 30.88 -9.59
N GLU A 116 -17.22 31.08 -10.51
CA GLU A 116 -17.30 32.16 -11.51
C GLU A 116 -18.70 32.39 -12.09
N ASP A 117 -19.32 33.51 -11.71
CA ASP A 117 -20.68 33.84 -12.12
C ASP A 117 -20.89 33.81 -13.63
N SER A 118 -19.93 34.36 -14.34
CA SER A 118 -20.08 34.54 -15.79
C SER A 118 -19.83 33.28 -16.61
N VAL A 119 -19.34 32.21 -16.03
CA VAL A 119 -19.20 30.93 -16.77
C VAL A 119 -20.33 30.01 -16.34
N ASP A 120 -20.82 29.25 -17.30
CA ASP A 120 -21.77 28.21 -17.02
C ASP A 120 -21.25 27.18 -15.97
N PRO A 121 -22.07 26.91 -14.92
CA PRO A 121 -21.70 25.97 -13.86
C PRO A 121 -21.22 24.60 -14.33
N PHE A 122 -21.89 24.06 -15.33
CA PHE A 122 -21.43 22.85 -16.03
C PHE A 122 -19.97 22.97 -16.40
N VAL A 123 -19.67 23.99 -17.18
CA VAL A 123 -18.34 24.15 -17.73
C VAL A 123 -17.39 24.27 -16.60
N ARG A 124 -17.82 25.06 -15.64
CA ARG A 124 -16.84 25.52 -14.70
C ARG A 124 -16.40 24.43 -13.72
N ARG A 125 -17.26 23.47 -13.41
CA ARG A 125 -16.87 22.41 -12.47
C ARG A 125 -15.99 21.38 -13.16
N ILE A 126 -16.19 21.23 -14.47
CA ILE A 126 -15.34 20.36 -15.26
C ILE A 126 -13.93 20.94 -15.32
N HIS A 127 -13.85 22.20 -15.68
CA HIS A 127 -12.62 22.93 -15.70
C HIS A 127 -11.93 22.87 -14.33
N GLN A 128 -12.70 23.13 -13.28
CA GLN A 128 -12.13 23.10 -11.96
C GLN A 128 -11.54 21.76 -11.57
N VAL A 129 -12.32 20.72 -11.75
CA VAL A 129 -11.88 19.39 -11.39
C VAL A 129 -10.66 19.00 -12.20
N ALA A 130 -10.68 19.30 -13.52
CA ALA A 130 -9.48 19.08 -14.30
C ALA A 130 -8.32 19.79 -13.65
N LYS A 131 -8.53 21.02 -13.24
CA LYS A 131 -7.39 21.73 -12.69
C LYS A 131 -6.91 21.14 -11.36
N LEU A 132 -7.88 20.83 -10.51
CA LEU A 132 -7.64 20.12 -9.25
C LEU A 132 -6.85 18.82 -9.50
N PHE A 133 -7.11 18.19 -10.63
CA PHE A 133 -6.51 16.94 -10.93
C PHE A 133 -5.06 17.10 -11.35
N LEU A 134 -4.73 18.14 -12.11
CA LEU A 134 -3.33 18.38 -12.42
C LEU A 134 -2.57 18.79 -11.15
N PHE A 135 -3.25 19.56 -10.29
CA PHE A 135 -2.60 20.17 -9.13
C PHE A 135 -2.24 19.10 -8.06
N SER A 136 -3.21 18.23 -7.84
CA SER A 136 -3.20 17.43 -6.68
C SER A 136 -1.91 16.65 -6.38
N PRO A 137 -1.34 15.96 -7.35
CA PRO A 137 -0.15 15.19 -6.98
C PRO A 137 1.14 16.01 -6.82
N SER A 138 1.13 17.26 -7.23
CA SER A 138 2.18 18.22 -6.97
C SER A 138 1.92 19.20 -5.80
N ALA A 139 0.85 19.05 -5.03
CA ALA A 139 0.36 20.14 -4.20
C ALA A 139 1.01 20.20 -2.85
N GLY A 140 1.83 19.21 -2.53
CA GLY A 140 2.32 19.05 -1.17
C GLY A 140 1.17 19.15 -0.18
N LEU A 141 0.05 18.49 -0.51
CA LEU A 141 -1.17 18.45 0.32
C LEU A 141 -1.97 19.70 0.51
N VAL A 142 -1.58 20.79 -0.15
CA VAL A 142 -2.45 21.99 -0.22
C VAL A 142 -3.82 21.68 -0.83
N SER A 143 -3.88 20.58 -1.58
CA SER A 143 -5.12 19.99 -2.04
C SER A 143 -6.15 19.84 -0.93
N CYS A 144 -5.70 19.59 0.30
CA CYS A 144 -6.62 19.34 1.39
C CYS A 144 -7.34 20.62 1.80
N PRO A 145 -6.61 21.68 2.13
CA PRO A 145 -7.38 22.91 2.41
C PRO A 145 -8.17 23.40 1.22
N MET A 146 -7.72 23.15 0.00
CA MET A 146 -8.57 23.50 -1.14
C MET A 146 -9.92 22.78 -1.15
N ALA A 147 -9.92 21.50 -0.78
CA ALA A 147 -11.15 20.75 -0.67
C ALA A 147 -12.01 21.34 0.42
N MET A 148 -11.42 21.63 1.57
CA MET A 148 -12.22 22.09 2.66
C MET A 148 -12.75 23.49 2.35
N THR A 149 -11.94 24.20 1.56
CA THR A 149 -12.32 25.54 1.13
C THR A 149 -13.52 25.55 0.19
N ASP A 150 -13.48 24.71 -0.83
CA ASP A 150 -14.57 24.58 -1.79
C ASP A 150 -15.85 24.10 -1.06
N GLY A 151 -15.70 23.15 -0.17
CA GLY A 151 -16.86 22.67 0.60
C GLY A 151 -17.47 23.75 1.45
N ALA A 152 -16.63 24.57 2.04
CA ALA A 152 -17.12 25.72 2.81
C ALA A 152 -17.90 26.70 1.95
N VAL A 153 -17.37 27.01 0.80
CA VAL A 153 -18.10 27.91 -0.07
C VAL A 153 -19.48 27.33 -0.37
N LYS A 154 -19.52 26.05 -0.69
CA LYS A 154 -20.75 25.40 -1.15
C LYS A 154 -21.77 25.38 -0.05
N THR A 155 -21.27 25.14 1.16
CA THR A 155 -22.12 25.07 2.35
C THR A 155 -22.70 26.42 2.66
N LEU A 156 -21.83 27.42 2.74
CA LEU A 156 -22.30 28.77 3.04
C LEU A 156 -23.31 29.27 2.02
N THR A 157 -23.06 28.93 0.76
CA THR A 157 -23.95 29.40 -0.29
C THR A 157 -25.29 28.70 -0.28
N SER A 158 -25.25 27.41 -0.04
CA SER A 158 -26.41 26.57 -0.11
C SER A 158 -27.30 26.87 1.01
N LEU A 159 -26.77 27.37 2.10
CA LEU A 159 -27.63 27.82 3.18
C LEU A 159 -28.24 29.17 2.92
N ASN A 160 -27.99 29.74 1.74
CA ASN A 160 -28.67 31.02 1.42
C ASN A 160 -28.27 32.14 2.39
N LEU A 161 -26.95 32.18 2.67
CA LEU A 161 -26.34 33.11 3.62
C LEU A 161 -25.56 34.22 2.94
N TYR A 162 -25.21 34.00 1.67
CA TYR A 162 -24.57 35.05 0.87
C TYR A 162 -25.51 36.28 0.79
N GLY A 163 -25.01 37.44 1.19
CA GLY A 163 -25.84 38.64 1.21
C GLY A 163 -26.36 38.97 2.58
N LYS A 164 -26.71 37.95 3.36
CA LYS A 164 -27.43 38.13 4.63
C LYS A 164 -26.56 38.10 5.85
N HIS A 165 -25.65 37.18 5.84
CA HIS A 165 -24.87 36.91 7.01
C HIS A 165 -23.49 37.47 6.79
N LYS A 166 -23.10 38.30 7.72
CA LYS A 166 -21.95 39.11 7.55
C LYS A 166 -20.69 38.31 7.39
N LEU A 167 -20.48 37.39 8.30
CA LEU A 167 -19.22 36.66 8.33
C LEU A 167 -19.13 35.64 7.20
N ALA A 168 -20.28 35.09 6.86
CA ALA A 168 -20.30 34.03 5.86
C ALA A 168 -20.11 34.68 4.53
N THR A 169 -20.59 35.91 4.38
CA THR A 169 -20.49 36.63 3.14
C THR A 169 -19.07 37.11 2.94
N GLU A 170 -18.49 37.69 3.97
CA GLU A 170 -17.04 37.93 3.90
C GLU A 170 -16.27 36.65 3.60
N ALA A 171 -16.64 35.56 4.28
CA ALA A 171 -15.93 34.29 4.09
C ALA A 171 -16.02 33.79 2.64
N VAL A 172 -17.24 33.67 2.14
CA VAL A 172 -17.43 33.23 0.77
C VAL A 172 -16.61 34.04 -0.21
N ASP A 173 -16.69 35.35 -0.08
CA ASP A 173 -16.00 36.26 -0.95
C ASP A 173 -14.48 36.06 -0.88
N ARG A 174 -13.92 35.89 0.31
CA ARG A 174 -12.47 35.69 0.46
C ARG A 174 -12.03 34.30 0.12
N LEU A 175 -12.83 33.30 0.46
CA LEU A 175 -12.49 31.94 0.01
C LEU A 175 -12.39 31.81 -1.52
N ARG A 176 -13.19 32.58 -2.25
CA ARG A 176 -13.19 32.55 -3.73
C ARG A 176 -12.19 33.46 -4.45
N SER A 177 -11.45 34.27 -3.71
CA SER A 177 -10.68 35.35 -4.31
C SER A 177 -9.41 34.85 -5.03
N ARG A 178 -9.03 35.59 -6.07
CA ARG A 178 -7.83 35.31 -6.83
C ARG A 178 -6.63 36.16 -6.36
N ASP A 179 -6.89 37.04 -5.42
CA ASP A 179 -5.84 37.94 -4.93
C ASP A 179 -5.09 37.24 -3.82
N PRO A 180 -3.83 36.89 -4.09
CA PRO A 180 -3.16 36.15 -3.03
C PRO A 180 -3.22 36.89 -1.72
N SER A 181 -3.20 38.19 -1.77
CA SER A 181 -3.12 39.00 -0.58
C SER A 181 -4.41 38.96 0.23
N LYS A 182 -5.52 38.55 -0.36
CA LYS A 182 -6.78 38.56 0.34
C LYS A 182 -7.35 37.18 0.58
N ALA A 183 -7.07 36.26 -0.34
CA ALA A 183 -7.71 34.94 -0.32
C ALA A 183 -7.61 34.23 1.02
N TRP A 184 -8.65 33.51 1.33
CA TRP A 184 -8.74 32.75 2.56
C TRP A 184 -8.87 31.23 2.29
N THR A 185 -8.52 30.44 3.31
CA THR A 185 -8.89 29.04 3.34
C THR A 185 -9.70 28.70 4.57
N SER A 186 -10.33 27.55 4.48
CA SER A 186 -11.19 27.08 5.58
C SER A 186 -10.82 25.71 6.07
N GLY A 187 -10.98 25.50 7.36
CA GLY A 187 -10.97 24.15 7.89
C GLY A 187 -12.38 23.70 8.23
N GLN A 188 -12.45 22.51 8.80
CA GLN A 188 -13.69 21.80 8.99
C GLN A 188 -13.33 20.82 10.11
N TRP A 189 -13.92 21.01 11.28
CA TRP A 189 -13.54 20.28 12.44
C TRP A 189 -14.72 19.49 13.04
N MET A 190 -14.79 18.26 12.56
CA MET A 190 -15.87 17.39 12.88
C MET A 190 -15.37 16.30 13.79
N THR A 191 -14.26 15.69 13.36
CA THR A 191 -13.82 14.46 13.97
C THR A 191 -13.41 14.76 15.40
N GLU A 192 -13.90 13.90 16.32
CA GLU A 192 -13.52 13.90 17.75
C GLU A 192 -13.07 12.50 18.23
N LYS A 193 -12.60 12.38 19.47
CA LYS A 193 -12.01 11.12 19.98
C LYS A 193 -12.97 9.90 19.91
N LYS A 194 -14.23 10.11 20.31
CA LYS A 194 -15.29 9.06 20.36
C LYS A 194 -15.78 8.69 18.98
N GLY A 195 -15.72 9.63 18.07
CA GLY A 195 -16.03 9.23 16.73
C GLY A 195 -15.66 10.24 15.69
N GLY A 196 -15.09 9.68 14.63
CA GLY A 196 -15.11 10.33 13.35
C GLY A 196 -16.18 9.54 12.74
N SER A 197 -16.48 9.77 11.48
CA SER A 197 -17.57 9.06 10.83
C SER A 197 -18.84 9.29 11.68
N ASP A 198 -18.96 8.53 12.78
CA ASP A 198 -20.02 8.71 13.79
C ASP A 198 -20.00 10.06 14.59
N VAL A 199 -20.31 11.15 13.91
CA VAL A 199 -20.33 12.47 14.54
C VAL A 199 -21.57 12.61 15.46
N ALA A 200 -22.70 12.04 15.03
CA ALA A 200 -23.93 12.11 15.81
C ALA A 200 -23.75 11.57 17.23
N GLY A 201 -23.08 10.43 17.33
CA GLY A 201 -22.75 9.79 18.61
C GLY A 201 -21.42 10.15 19.27
N GLY A 202 -20.44 10.66 18.50
CA GLY A 202 -19.08 10.99 19.03
C GLY A 202 -18.77 12.47 19.37
N CYS A 203 -19.62 13.42 18.89
CA CYS A 203 -19.35 14.85 19.12
C CYS A 203 -19.68 15.27 20.55
N ASP A 204 -18.63 15.68 21.27
CA ASP A 204 -18.76 16.08 22.64
C ASP A 204 -18.23 17.54 22.79
N THR A 205 -18.52 18.40 21.78
CA THR A 205 -18.30 19.85 21.92
C THR A 205 -19.62 20.58 22.23
N TYR A 206 -19.55 21.64 23.00
CA TYR A 206 -20.74 22.32 23.56
C TYR A 206 -20.66 23.82 23.20
N ALA A 207 -21.81 24.43 22.88
CA ALA A 207 -21.86 25.84 22.51
C ALA A 207 -22.77 26.60 23.44
N VAL A 208 -22.20 27.57 24.16
CA VAL A 208 -22.96 28.37 25.09
C VAL A 208 -23.21 29.74 24.47
N GLN A 209 -24.46 30.15 24.52
CA GLN A 209 -24.92 31.36 23.86
C GLN A 209 -24.27 32.57 24.51
N ILE A 210 -23.67 33.43 23.71
CA ILE A 210 -23.15 34.69 24.24
C ILE A 210 -24.22 35.74 24.08
N ASP A 211 -24.65 35.93 22.84
CA ASP A 211 -25.66 36.91 22.50
C ASP A 211 -26.21 36.58 21.11
N LYS A 212 -27.54 36.60 21.00
CA LYS A 212 -28.24 36.31 19.74
C LYS A 212 -27.68 35.02 19.10
N ASP A 213 -26.73 35.21 18.18
CA ASP A 213 -26.27 34.16 17.30
C ASP A 213 -24.77 33.88 17.46
N THR A 214 -24.24 34.32 18.60
CA THR A 214 -22.82 34.21 18.89
C THR A 214 -22.60 33.38 20.15
N TYR A 215 -21.73 32.38 20.03
CA TYR A 215 -21.61 31.39 21.07
C TYR A 215 -20.16 31.17 21.39
N ARG A 216 -19.92 30.57 22.54
CA ARG A 216 -18.58 30.18 22.93
C ARG A 216 -18.56 28.67 22.82
N LEU A 217 -17.45 28.14 22.32
CA LEU A 217 -17.35 26.71 22.17
C LEU A 217 -16.34 26.10 23.13
N HIS A 218 -16.70 24.94 23.66
CA HIS A 218 -15.86 24.22 24.59
C HIS A 218 -15.83 22.80 24.14
N GLY A 219 -14.67 22.29 23.77
CA GLY A 219 -14.55 20.89 23.38
C GLY A 219 -13.16 20.56 22.91
N TYR A 220 -13.04 19.38 22.33
CA TYR A 220 -11.78 18.83 21.94
C TYR A 220 -11.87 18.29 20.52
N LYS A 221 -11.13 18.89 19.61
CA LYS A 221 -11.15 18.41 18.21
C LYS A 221 -9.95 17.50 18.01
N TRP A 222 -10.24 16.29 17.59
CA TRP A 222 -9.27 15.22 17.64
C TRP A 222 -8.43 15.21 16.39
N PHE A 223 -9.01 15.54 15.22
CA PHE A 223 -8.25 15.89 13.98
C PHE A 223 -8.69 17.23 13.33
N SER A 224 -7.76 18.16 13.15
CA SER A 224 -8.06 19.47 12.56
C SER A 224 -6.91 19.87 11.71
N SER A 225 -7.11 19.70 10.42
CA SER A 225 -6.09 19.96 9.46
C SER A 225 -6.13 21.41 9.03
N ALA A 226 -4.99 21.83 8.48
CA ALA A 226 -4.77 23.17 7.97
C ALA A 226 -5.19 24.19 9.00
N VAL A 227 -4.67 24.02 10.21
CA VAL A 227 -4.85 25.02 11.26
C VAL A 227 -4.26 26.41 10.93
N ASP A 228 -3.54 26.50 9.81
CA ASP A 228 -3.16 27.77 9.19
C ASP A 228 -4.28 28.37 8.37
N ALA A 229 -5.43 27.73 8.27
CA ALA A 229 -6.59 28.38 7.66
C ALA A 229 -7.08 29.61 8.42
N ASP A 230 -7.98 30.34 7.77
CA ASP A 230 -8.56 31.57 8.35
C ASP A 230 -9.89 31.34 9.03
N VAL A 231 -10.71 30.47 8.44
CA VAL A 231 -12.00 30.16 9.08
C VAL A 231 -12.18 28.66 9.15
N ALA A 232 -13.17 28.24 9.92
CA ALA A 232 -13.48 26.85 9.99
C ALA A 232 -14.91 26.59 10.33
N LEU A 233 -15.41 25.49 9.82
CA LEU A 233 -16.77 25.07 10.16
C LEU A 233 -16.64 23.99 11.17
N THR A 234 -17.61 23.91 12.06
CA THR A 234 -17.56 22.93 13.07
C THR A 234 -18.91 22.72 13.68
N LEU A 235 -19.07 21.56 14.33
CA LEU A 235 -20.34 21.21 14.98
C LEU A 235 -20.22 21.29 16.46
N ALA A 236 -21.30 21.69 17.10
CA ALA A 236 -21.40 21.69 18.53
C ALA A 236 -22.88 21.66 19.02
N ARG A 237 -23.06 21.17 20.24
CA ARG A 237 -24.36 21.08 20.93
C ARG A 237 -24.61 22.34 21.71
N ILE A 238 -25.73 23.01 21.44
CA ILE A 238 -26.09 24.23 22.16
C ILE A 238 -26.53 23.77 23.52
N VAL A 239 -26.21 24.55 24.56
CA VAL A 239 -26.48 24.21 25.92
C VAL A 239 -27.65 25.09 26.24
N ASP A 240 -28.66 24.52 26.89
CA ASP A 240 -29.88 25.24 27.14
C ASP A 240 -29.76 26.05 28.46
N SER A 241 -30.85 26.63 28.93
CA SER A 241 -30.82 27.47 30.11
C SER A 241 -30.90 26.68 31.43
N ASP A 242 -31.16 25.37 31.32
CA ASP A 242 -30.96 24.45 32.46
C ASP A 242 -29.51 23.92 32.42
N GLY A 243 -28.72 24.36 31.45
CA GLY A 243 -27.36 23.90 31.32
C GLY A 243 -27.29 22.52 30.71
N ASN A 244 -28.36 22.11 30.00
CA ASN A 244 -28.47 20.77 29.36
C ASN A 244 -28.33 20.84 27.85
N ALA A 245 -28.09 19.66 27.23
CA ALA A 245 -28.00 19.44 25.74
C ALA A 245 -28.67 18.10 25.21
N LEU A 246 -28.79 17.97 23.88
CA LEU A 246 -29.41 16.82 23.19
C LEU A 246 -28.33 15.88 22.61
N GLU A 247 -28.35 14.61 23.02
CA GLU A 247 -27.59 13.52 22.37
C GLU A 247 -28.06 13.28 20.92
N GLY A 248 -27.38 12.41 20.19
CA GLY A 248 -27.75 12.12 18.81
C GLY A 248 -27.52 13.28 17.85
N SER A 249 -27.96 13.08 16.62
CA SER A 249 -27.88 14.10 15.55
C SER A 249 -28.60 15.42 15.88
N ARG A 250 -29.76 15.32 16.54
CA ARG A 250 -30.63 16.48 16.80
C ARG A 250 -30.01 17.62 17.66
N GLY A 251 -29.05 17.27 18.54
CA GLY A 251 -28.35 18.29 19.34
C GLY A 251 -27.46 19.24 18.54
N LEU A 252 -26.98 18.74 17.40
CA LEU A 252 -25.85 19.38 16.77
C LEU A 252 -26.27 20.58 15.94
N SER A 253 -25.64 21.71 16.20
CA SER A 253 -25.73 22.87 15.37
C SER A 253 -24.38 23.16 14.75
N LEU A 254 -24.44 23.94 13.67
CA LEU A 254 -23.27 24.20 12.80
C LEU A 254 -22.85 25.64 13.03
N PHE A 255 -21.54 25.84 13.04
CA PHE A 255 -20.97 27.08 13.46
C PHE A 255 -19.88 27.46 12.50
N LEU A 256 -19.72 28.77 12.41
CA LEU A 256 -18.70 29.41 11.63
C LEU A 256 -17.86 30.28 12.53
N LEU A 257 -16.55 30.10 12.41
CA LEU A 257 -15.63 30.90 13.19
C LEU A 257 -14.37 31.30 12.50
N LYS A 258 -13.86 32.43 12.98
CA LYS A 258 -12.53 32.89 12.62
C LYS A 258 -11.55 32.24 13.56
N ILE A 259 -10.47 31.74 12.97
CA ILE A 259 -9.49 30.95 13.70
C ILE A 259 -8.63 31.82 14.60
N ARG A 260 -8.17 32.95 14.06
CA ARG A 260 -7.41 33.94 14.82
C ARG A 260 -8.14 35.25 14.78
N ASP A 261 -7.86 36.11 15.74
CA ASP A 261 -8.51 37.46 15.84
C ASP A 261 -7.68 38.57 15.14
N GLU A 262 -8.19 39.79 15.15
CA GLU A 262 -7.51 40.91 14.50
C GLU A 262 -6.01 40.93 14.83
N SER A 263 -5.65 40.47 16.04
CA SER A 263 -4.26 40.45 16.54
C SER A 263 -3.38 39.29 16.12
N GLY A 264 -3.89 38.37 15.29
CA GLY A 264 -3.15 37.15 14.99
C GLY A 264 -3.17 36.13 16.12
N ASN A 265 -4.00 36.36 17.14
CA ASN A 265 -4.14 35.48 18.33
C ASN A 265 -5.31 34.47 18.21
N LEU A 266 -5.03 33.21 18.51
CA LEU A 266 -6.03 32.17 18.35
C LEU A 266 -7.30 32.50 19.11
N ASN A 267 -8.44 32.26 18.49
CA ASN A 267 -9.74 32.57 19.10
C ASN A 267 -10.14 31.42 20.07
N GLY A 268 -9.82 31.55 21.37
CA GLY A 268 -10.17 30.54 22.38
C GLY A 268 -9.75 29.10 22.08
N ILE A 269 -8.63 28.95 21.39
CA ILE A 269 -8.21 27.67 20.91
C ILE A 269 -6.78 27.42 21.33
N GLN A 270 -6.47 26.21 21.78
CA GLN A 270 -5.06 25.82 21.89
C GLN A 270 -4.80 24.63 20.97
N MET A 271 -3.58 24.59 20.46
CA MET A 271 -3.07 23.44 19.79
C MET A 271 -2.31 22.58 20.80
N VAL A 272 -2.91 21.43 21.10
CA VAL A 272 -2.36 20.49 22.05
C VAL A 272 -1.13 19.82 21.44
N ARG A 273 -1.19 19.44 20.17
CA ARG A 273 -0.04 18.81 19.48
C ARG A 273 -0.35 18.70 18.00
N LEU A 274 0.69 18.57 17.19
CA LEU A 274 0.54 18.11 15.84
C LEU A 274 0.57 16.58 15.78
N LYS A 275 -0.12 16.01 14.80
CA LYS A 275 -0.19 14.58 14.62
C LYS A 275 1.10 14.13 13.93
N ASN A 276 1.57 12.96 14.29
CA ASN A 276 2.66 12.32 13.53
C ASN A 276 2.10 11.26 12.59
N LYS A 277 2.05 11.61 11.31
CA LYS A 277 1.24 10.93 10.32
C LYS A 277 2.03 10.12 9.37
N LEU A 278 1.44 9.05 8.88
CA LEU A 278 2.09 8.29 7.86
C LEU A 278 2.40 9.08 6.63
N GLY A 279 1.42 9.84 6.20
CA GLY A 279 1.57 10.68 5.03
C GLY A 279 0.83 11.98 5.29
N THR A 280 0.71 12.82 4.28
CA THR A 280 0.23 14.18 4.46
C THR A 280 1.05 14.92 5.51
N LYS A 281 2.30 14.55 5.58
CA LYS A 281 3.23 15.17 6.48
C LYS A 281 3.40 16.67 6.21
N GLN A 282 3.15 17.09 4.97
CA GLN A 282 3.19 18.51 4.60
C GLN A 282 2.17 19.32 5.31
N LEU A 283 1.06 18.67 5.64
CA LEU A 283 -0.11 19.32 6.08
C LEU A 283 -0.10 19.38 7.58
N PRO A 284 -0.26 20.57 8.13
CA PRO A 284 -0.38 20.66 9.59
C PRO A 284 -1.70 20.17 10.14
N THR A 285 -1.68 19.03 10.82
CA THR A 285 -2.90 18.53 11.43
C THR A 285 -2.75 18.56 12.94
N ALA A 286 -3.63 19.26 13.64
CA ALA A 286 -3.48 19.35 15.09
C ALA A 286 -4.64 18.77 15.83
N GLU A 287 -4.47 18.64 17.15
CA GLU A 287 -5.56 18.39 18.07
C GLU A 287 -5.78 19.70 18.69
N LEU A 288 -7.04 20.04 18.91
CA LEU A 288 -7.42 21.34 19.36
C LEU A 288 -8.31 21.29 20.60
N LEU A 289 -7.98 22.15 21.53
CA LEU A 289 -8.74 22.28 22.71
C LEU A 289 -9.47 23.62 22.54
N LEU A 290 -10.81 23.55 22.46
CA LEU A 290 -11.65 24.75 22.37
C LEU A 290 -12.12 25.13 23.70
N ASP A 291 -11.85 26.36 24.10
CA ASP A 291 -12.24 26.83 25.41
C ASP A 291 -12.67 28.27 25.27
N GLY A 292 -13.95 28.47 24.97
CA GLY A 292 -14.47 29.80 24.72
C GLY A 292 -14.18 30.37 23.34
N ALA A 293 -13.88 29.53 22.34
CA ALA A 293 -13.80 30.00 20.94
C ALA A 293 -15.12 30.63 20.50
N ILE A 294 -15.03 31.83 19.94
CA ILE A 294 -16.19 32.60 19.61
C ILE A 294 -16.62 32.30 18.20
N ALA A 295 -17.91 31.96 18.07
CA ALA A 295 -18.44 31.36 16.86
C ALA A 295 -19.87 31.80 16.56
N GLU A 296 -20.17 31.92 15.26
CA GLU A 296 -21.49 32.27 14.78
C GLU A 296 -22.22 31.01 14.36
N ARG A 297 -23.42 30.81 14.90
CA ARG A 297 -24.26 29.71 14.44
C ARG A 297 -24.79 30.06 13.08
N ILE A 298 -24.84 29.05 12.23
CA ILE A 298 -25.37 29.18 10.90
C ILE A 298 -26.25 27.98 10.60
N GLY A 299 -27.33 28.21 9.85
CA GLY A 299 -28.30 27.18 9.62
C GLY A 299 -29.07 27.09 10.90
N ASP A 300 -30.00 26.17 10.93
CA ASP A 300 -30.97 26.13 12.01
C ASP A 300 -30.41 25.33 13.17
N GLN A 301 -30.95 25.59 14.35
CA GLN A 301 -30.58 24.88 15.56
C GLN A 301 -30.91 23.41 15.43
N GLY A 302 -29.92 22.57 15.74
CA GLY A 302 -30.09 21.14 15.61
C GLY A 302 -30.07 20.69 14.17
N ARG A 303 -29.82 21.58 13.21
CA ARG A 303 -29.71 21.17 11.80
C ARG A 303 -28.25 21.15 11.28
N GLY A 304 -27.30 20.91 12.20
CA GLY A 304 -25.90 21.08 11.87
C GLY A 304 -25.48 20.05 10.84
N VAL A 305 -25.97 18.82 11.02
CA VAL A 305 -25.60 17.73 10.14
C VAL A 305 -26.11 17.94 8.72
N ALA A 306 -27.41 18.22 8.61
CA ALA A 306 -27.97 18.60 7.34
C ALA A 306 -27.17 19.74 6.70
N GLY A 307 -26.80 20.70 7.52
CA GLY A 307 -26.07 21.85 7.04
C GLY A 307 -24.82 21.44 6.32
N ILE A 308 -24.02 20.59 6.95
CA ILE A 308 -22.78 20.19 6.29
C ILE A 308 -22.95 19.14 5.21
N SER A 309 -24.10 18.50 5.17
CA SER A 309 -24.41 17.55 4.10
C SER A 309 -24.31 18.17 2.71
N ASN A 310 -24.57 19.44 2.57
CA ASN A 310 -24.53 20.04 1.23
C ASN A 310 -23.19 20.01 0.64
N MET A 311 -22.16 19.76 1.43
CA MET A 311 -20.82 19.86 0.90
C MET A 311 -20.22 18.50 0.56
N LEU A 312 -20.97 17.44 0.88
CA LEU A 312 -20.44 16.11 0.70
C LEU A 312 -20.07 15.90 -0.73
N ASN A 313 -20.99 16.13 -1.63
CA ASN A 313 -20.71 15.83 -3.02
C ASN A 313 -19.34 16.39 -3.42
N ILE A 314 -19.04 17.55 -2.86
CA ILE A 314 -17.92 18.31 -3.36
C ILE A 314 -16.64 17.77 -2.69
N THR A 315 -16.67 17.66 -1.41
CA THR A 315 -15.55 17.08 -0.68
C THR A 315 -15.15 15.70 -1.22
N ARG A 316 -16.17 14.93 -1.57
CA ARG A 316 -15.92 13.59 -1.96
C ARG A 316 -15.25 13.57 -3.32
N ILE A 317 -15.69 14.45 -4.17
CA ILE A 317 -15.13 14.63 -5.46
C ILE A 317 -13.68 15.05 -5.37
N HIS A 318 -13.38 15.96 -4.47
CA HIS A 318 -12.01 16.35 -4.31
C HIS A 318 -11.15 15.16 -3.88
N ASN A 319 -11.67 14.35 -2.98
CA ASN A 319 -10.97 13.17 -2.52
C ASN A 319 -10.65 12.18 -3.61
N ALA A 320 -11.58 12.02 -4.51
CA ALA A 320 -11.40 11.11 -5.59
C ALA A 320 -10.36 11.66 -6.52
N VAL A 321 -10.37 13.00 -6.71
CA VAL A 321 -9.34 13.67 -7.47
C VAL A 321 -7.93 13.31 -6.96
N ALA A 322 -7.73 13.43 -5.66
CA ALA A 322 -6.47 13.06 -5.04
C ALA A 322 -6.07 11.62 -5.40
N SER A 323 -6.98 10.67 -5.11
CA SER A 323 -6.71 9.27 -5.42
C SER A 323 -6.25 9.14 -6.87
N LEU A 324 -7.03 9.70 -7.79
CA LEU A 324 -6.74 9.54 -9.19
C LEU A 324 -5.48 10.26 -9.59
N GLY A 325 -5.20 11.33 -8.88
CA GLY A 325 -4.00 12.08 -9.16
C GLY A 325 -2.77 11.20 -8.92
N TYR A 326 -2.80 10.49 -7.81
CA TYR A 326 -1.70 9.62 -7.46
C TYR A 326 -1.59 8.48 -8.42
N MET A 327 -2.70 7.88 -8.76
CA MET A 327 -2.70 6.83 -9.74
C MET A 327 -2.10 7.30 -11.08
N ARG A 328 -2.58 8.42 -11.57
CA ARG A 328 -2.08 8.93 -12.83
C ARG A 328 -0.62 9.28 -12.75
N ARG A 329 -0.24 9.85 -11.63
CA ARG A 329 1.11 10.32 -11.50
C ARG A 329 2.11 9.16 -11.49
N ILE A 330 1.79 8.11 -10.75
CA ILE A 330 2.76 7.07 -10.69
C ILE A 330 2.88 6.41 -12.05
N ILE A 331 1.77 6.25 -12.73
CA ILE A 331 1.82 5.62 -14.01
C ILE A 331 2.64 6.49 -14.94
N SER A 332 2.46 7.80 -14.84
CA SER A 332 3.14 8.70 -15.73
C SER A 332 4.63 8.65 -15.54
N LEU A 333 5.08 8.57 -14.30
CA LEU A 333 6.49 8.54 -14.00
C LEU A 333 7.09 7.21 -14.42
N ALA A 334 6.35 6.18 -14.09
CA ALA A 334 6.83 4.89 -14.37
C ALA A 334 6.95 4.64 -15.82
N ARG A 335 6.02 5.15 -16.62
CA ARG A 335 6.12 4.83 -18.02
C ARG A 335 7.37 5.51 -18.59
N ASP A 336 7.64 6.69 -18.09
CA ASP A 336 8.74 7.43 -18.54
C ASP A 336 10.01 6.68 -18.20
N TYR A 337 10.17 6.45 -16.91
CA TYR A 337 11.28 5.61 -16.44
C TYR A 337 11.47 4.39 -17.33
N SER A 338 10.37 3.76 -17.74
CA SER A 338 10.50 2.56 -18.52
C SER A 338 11.19 2.72 -19.88
N THR A 339 11.28 3.94 -20.40
CA THR A 339 11.95 4.14 -21.67
C THR A 339 13.46 4.37 -21.45
N LYS A 340 13.86 4.52 -20.18
CA LYS A 340 15.22 4.86 -19.70
C LYS A 340 15.96 3.75 -18.93
N ARG A 341 15.25 2.79 -18.35
CA ARG A 341 15.88 1.76 -17.52
C ARG A 341 16.08 0.48 -18.31
N VAL A 342 17.34 0.07 -18.47
CA VAL A 342 17.70 -1.16 -19.17
C VAL A 342 17.72 -2.31 -18.19
N VAL A 343 17.05 -3.40 -18.54
CA VAL A 343 17.01 -4.61 -17.75
C VAL A 343 17.16 -5.70 -18.78
N PHE A 344 18.09 -6.58 -18.56
CA PHE A 344 18.44 -7.63 -19.50
C PHE A 344 18.64 -7.20 -20.95
N GLY A 345 19.33 -6.07 -21.15
CA GLY A 345 19.65 -5.62 -22.50
C GLY A 345 18.61 -4.74 -23.18
N GLN A 346 17.42 -4.52 -22.60
CA GLN A 346 16.46 -3.61 -23.23
C GLN A 346 15.88 -2.71 -22.17
N THR A 347 15.37 -1.56 -22.59
CA THR A 347 14.60 -0.71 -21.72
C THR A 347 13.39 -1.49 -21.26
N GLN A 348 12.94 -1.22 -20.02
CA GLN A 348 11.75 -1.90 -19.46
C GLN A 348 10.56 -1.82 -20.41
N SER A 349 10.45 -0.70 -21.13
CA SER A 349 9.35 -0.51 -22.07
C SER A 349 9.20 -1.63 -23.14
N LYS A 350 10.29 -2.36 -23.42
CA LYS A 350 10.23 -3.43 -24.42
C LYS A 350 9.88 -4.82 -23.89
N TRP A 351 9.84 -4.97 -22.58
CA TRP A 351 9.47 -6.23 -21.94
C TRP A 351 7.98 -6.33 -21.75
N PRO A 352 7.39 -7.29 -22.42
CA PRO A 352 5.97 -7.45 -22.44
C PRO A 352 5.33 -7.60 -21.06
N LEU A 353 5.98 -8.36 -20.19
CA LEU A 353 5.52 -8.48 -18.84
C LEU A 353 5.40 -7.10 -18.20
N HIS A 354 6.39 -6.25 -18.38
CA HIS A 354 6.32 -4.92 -17.79
C HIS A 354 5.11 -4.12 -18.30
N THR A 355 4.92 -4.10 -19.61
CA THR A 355 3.77 -3.38 -20.18
C THR A 355 2.44 -4.04 -19.96
N THR A 356 2.42 -5.34 -19.75
CA THR A 356 1.20 -5.98 -19.34
C THR A 356 0.83 -5.42 -17.98
N THR A 357 1.79 -5.33 -17.08
CA THR A 357 1.51 -4.85 -15.76
C THR A 357 0.89 -3.45 -15.80
N LEU A 358 1.53 -2.60 -16.60
CA LEU A 358 1.10 -1.22 -16.72
C LEU A 358 -0.21 -1.03 -17.42
N ALA A 359 -0.55 -1.90 -18.35
CA ALA A 359 -1.70 -1.67 -19.15
C ALA A 359 -2.86 -1.80 -18.22
N LYS A 360 -2.80 -2.76 -17.32
CA LYS A 360 -3.92 -3.08 -16.48
C LYS A 360 -4.19 -1.96 -15.46
N MET A 361 -3.10 -1.36 -15.01
CA MET A 361 -3.20 -0.16 -14.19
C MET A 361 -3.84 0.97 -14.96
N GLU A 362 -3.42 1.10 -16.23
CA GLU A 362 -4.01 2.14 -17.05
C GLU A 362 -5.52 1.94 -17.29
N VAL A 363 -5.87 0.73 -17.70
CA VAL A 363 -7.23 0.40 -17.86
C VAL A 363 -8.10 0.84 -16.65
N ASP A 364 -7.71 0.38 -15.47
CA ASP A 364 -8.47 0.70 -14.30
C ASP A 364 -8.51 2.20 -13.99
N THR A 365 -7.40 2.89 -14.18
CA THR A 365 -7.39 4.32 -13.98
C THR A 365 -8.39 5.08 -14.84
N ARG A 366 -8.37 4.77 -16.10
CA ARG A 366 -9.25 5.44 -17.00
C ARG A 366 -10.71 5.27 -16.67
N GLY A 367 -11.08 4.09 -16.23
CA GLY A 367 -12.45 3.82 -15.85
C GLY A 367 -12.87 4.79 -14.74
N SER A 368 -12.02 4.90 -13.75
CA SER A 368 -12.36 5.76 -12.67
C SER A 368 -12.25 7.22 -13.05
N MET A 369 -11.33 7.55 -13.96
CA MET A 369 -11.23 8.93 -14.40
C MET A 369 -12.53 9.44 -15.01
N LEU A 370 -13.15 8.58 -15.78
CA LEU A 370 -14.37 8.97 -16.42
C LEU A 370 -15.46 9.05 -15.42
N LEU A 371 -15.45 8.15 -14.47
CA LEU A 371 -16.41 8.19 -13.41
C LEU A 371 -16.36 9.54 -12.70
N LEU A 372 -15.12 10.04 -12.56
CA LEU A 372 -14.84 11.31 -11.93
C LEU A 372 -15.40 12.46 -12.70
N PHE A 373 -15.19 12.45 -14.00
CA PHE A 373 -15.76 13.49 -14.78
C PHE A 373 -17.28 13.41 -14.96
N GLU A 374 -17.86 12.25 -14.83
CA GLU A 374 -19.30 12.15 -14.88
C GLU A 374 -19.82 12.83 -13.61
N ALA A 375 -19.12 12.66 -12.49
CA ALA A 375 -19.54 13.31 -11.25
C ALA A 375 -19.48 14.81 -11.35
N ALA A 376 -18.38 15.28 -11.89
CA ALA A 376 -18.17 16.69 -12.18
C ALA A 376 -19.27 17.26 -13.05
N ARG A 377 -19.52 16.57 -14.15
CA ARG A 377 -20.65 16.88 -15.03
C ARG A 377 -21.93 16.98 -14.24
N LEU A 378 -22.21 15.96 -13.44
CA LEU A 378 -23.50 15.93 -12.76
C LEU A 378 -23.59 17.04 -11.74
N LEU A 379 -22.47 17.33 -11.08
CA LEU A 379 -22.48 18.41 -10.10
C LEU A 379 -22.77 19.76 -10.73
N GLY A 380 -22.19 20.01 -11.89
CA GLY A 380 -22.32 21.32 -12.55
C GLY A 380 -23.74 21.50 -13.02
N LEU A 381 -24.28 20.44 -13.58
CA LEU A 381 -25.67 20.45 -13.92
C LEU A 381 -26.54 20.73 -12.75
N SER A 382 -26.34 20.03 -11.65
CA SER A 382 -27.16 20.28 -10.46
C SER A 382 -27.13 21.74 -10.11
N GLU A 383 -25.97 22.34 -10.18
CA GLU A 383 -25.82 23.74 -9.79
C GLU A 383 -26.32 24.76 -10.81
N ALA A 384 -26.71 24.30 -12.00
CA ALA A 384 -27.27 25.19 -13.00
C ALA A 384 -28.78 25.12 -13.00
N GLY A 385 -29.36 24.18 -12.24
CA GLY A 385 -30.83 23.94 -12.23
C GLY A 385 -31.35 23.08 -13.40
N LYS A 386 -30.43 22.53 -14.19
CA LYS A 386 -30.75 21.86 -15.46
C LYS A 386 -30.78 20.33 -15.37
N SER A 387 -30.51 19.79 -14.19
CA SER A 387 -30.54 18.34 -13.98
C SER A 387 -31.90 17.75 -14.33
N SER A 388 -31.90 16.66 -15.09
CA SER A 388 -33.07 15.78 -15.16
C SER A 388 -33.27 15.02 -13.82
N ASP A 389 -34.37 14.31 -13.64
CA ASP A 389 -34.53 13.48 -12.48
C ASP A 389 -33.38 12.49 -12.39
N VAL A 390 -33.13 11.80 -13.49
CA VAL A 390 -32.05 10.84 -13.56
C VAL A 390 -30.73 11.43 -13.06
N GLU A 391 -30.36 12.54 -13.65
CA GLU A 391 -29.11 13.17 -13.32
C GLU A 391 -29.03 13.63 -11.84
N ALA A 392 -30.15 14.07 -11.28
CA ALA A 392 -30.15 14.48 -9.89
C ALA A 392 -29.91 13.29 -8.99
N MET A 393 -30.55 12.19 -9.32
CA MET A 393 -30.37 10.97 -8.58
C MET A 393 -28.92 10.44 -8.76
N MET A 394 -28.37 10.52 -9.98
CA MET A 394 -26.98 10.05 -10.20
C MET A 394 -25.91 10.86 -9.44
N LEU A 395 -26.14 12.14 -9.26
CA LEU A 395 -25.22 12.88 -8.46
C LEU A 395 -25.14 12.28 -7.04
N ARG A 396 -26.29 11.90 -6.49
CA ARG A 396 -26.34 11.42 -5.12
C ARG A 396 -25.68 10.08 -4.99
N LEU A 397 -25.96 9.25 -5.97
CA LEU A 397 -25.39 7.94 -5.98
C LEU A 397 -23.88 7.90 -6.27
N ILE A 398 -23.43 8.70 -7.20
CA ILE A 398 -22.07 8.53 -7.76
C ILE A 398 -21.01 9.03 -6.83
N THR A 399 -21.36 10.00 -6.04
CA THR A 399 -20.40 10.67 -5.20
C THR A 399 -19.79 9.77 -4.12
N PRO A 400 -20.61 9.01 -3.42
CA PRO A 400 -19.96 8.12 -2.48
C PRO A 400 -19.29 6.94 -3.14
N VAL A 401 -19.89 6.50 -4.22
CA VAL A 401 -19.36 5.41 -4.98
C VAL A 401 -17.99 5.75 -5.54
N LEU A 402 -17.88 6.91 -6.15
CA LEU A 402 -16.64 7.33 -6.74
C LEU A 402 -15.50 7.46 -5.74
N LYS A 403 -15.79 8.11 -4.62
CA LYS A 403 -14.83 8.29 -3.59
C LYS A 403 -14.34 6.93 -3.02
N LEU A 404 -15.28 6.06 -2.70
CA LEU A 404 -14.84 4.83 -2.11
C LEU A 404 -14.08 3.98 -3.10
N TYR A 405 -14.46 4.00 -4.37
CA TYR A 405 -13.83 3.05 -5.30
C TYR A 405 -12.42 3.52 -5.65
N ALA A 406 -12.34 4.78 -6.02
CA ALA A 406 -11.05 5.35 -6.31
C ALA A 406 -10.18 5.27 -5.11
N GLY A 407 -10.76 5.57 -3.95
CA GLY A 407 -10.11 5.41 -2.69
C GLY A 407 -9.48 4.03 -2.45
N LYS A 408 -10.22 2.95 -2.77
CA LYS A 408 -9.73 1.59 -2.60
C LYS A 408 -8.78 1.11 -3.76
N GLN A 409 -8.78 1.78 -4.91
CA GLN A 409 -7.92 1.40 -5.94
C GLN A 409 -6.54 1.92 -5.71
N ALA A 410 -6.46 2.99 -4.94
CA ALA A 410 -5.33 3.83 -5.01
C ALA A 410 -4.05 3.19 -4.41
N VAL A 411 -4.12 2.66 -3.21
CA VAL A 411 -2.90 2.17 -2.60
C VAL A 411 -2.34 0.99 -3.36
N PRO A 412 -3.20 0.00 -3.69
CA PRO A 412 -2.63 -1.12 -4.44
C PRO A 412 -2.13 -0.68 -5.79
N MET A 413 -2.76 0.30 -6.40
CA MET A 413 -2.18 0.73 -7.65
C MET A 413 -0.86 1.45 -7.56
N VAL A 414 -0.73 2.34 -6.59
CA VAL A 414 0.47 3.11 -6.46
C VAL A 414 1.65 2.20 -5.96
N SER A 415 1.32 1.21 -5.14
CA SER A 415 2.23 0.24 -4.70
C SER A 415 2.80 -0.52 -5.90
N GLU A 416 1.95 -0.95 -6.79
CA GLU A 416 2.45 -1.58 -8.01
C GLU A 416 3.33 -0.66 -8.83
N GLY A 417 2.91 0.59 -8.91
CA GLY A 417 3.71 1.58 -9.60
C GLY A 417 5.10 1.78 -9.04
N ILE A 418 5.24 1.94 -7.72
CA ILE A 418 6.55 2.13 -7.20
C ILE A 418 7.41 0.87 -7.41
N GLU A 419 6.81 -0.30 -7.40
CA GLU A 419 7.58 -1.51 -7.75
C GLU A 419 8.18 -1.52 -9.15
N CYS A 420 7.57 -0.83 -10.10
CA CYS A 420 8.19 -0.62 -11.44
C CYS A 420 9.57 0.00 -11.42
N PHE A 421 9.88 0.72 -10.34
CA PHE A 421 11.13 1.37 -10.18
C PHE A 421 12.09 0.51 -9.45
N GLY A 422 11.66 -0.68 -9.05
CA GLY A 422 12.61 -1.52 -8.30
C GLY A 422 12.90 -0.86 -6.94
N GLY A 423 14.13 -1.05 -6.44
CA GLY A 423 14.56 -0.51 -5.15
C GLY A 423 14.45 1.00 -5.05
N GLN A 424 14.64 1.70 -6.16
CA GLN A 424 14.54 3.14 -6.14
C GLN A 424 13.14 3.59 -5.82
N GLY A 425 12.13 2.79 -6.15
CA GLY A 425 10.79 3.15 -5.79
C GLY A 425 10.57 3.21 -4.31
N TYR A 426 11.49 2.61 -3.53
CA TYR A 426 11.40 2.51 -2.06
C TYR A 426 12.19 3.59 -1.36
N MET A 427 12.84 4.42 -2.16
CA MET A 427 13.67 5.49 -1.63
C MET A 427 12.93 6.83 -1.57
N GLU A 428 12.85 7.39 -0.36
CA GLU A 428 12.13 8.61 -0.05
C GLU A 428 12.65 9.81 -0.84
N ASP A 429 13.96 9.87 -1.03
CA ASP A 429 14.57 10.97 -1.75
C ASP A 429 14.26 11.03 -3.28
N THR A 430 13.70 9.98 -3.86
CA THR A 430 13.13 10.09 -5.18
C THR A 430 11.77 10.85 -5.23
N GLY A 431 11.14 11.05 -4.09
CA GLY A 431 9.80 11.56 -4.15
C GLY A 431 8.72 10.54 -4.38
N LEU A 432 9.11 9.31 -4.76
CA LEU A 432 8.12 8.33 -5.17
C LEU A 432 7.32 7.77 -4.00
N PRO A 433 7.98 7.43 -2.90
CA PRO A 433 7.18 6.92 -1.79
C PRO A 433 6.14 7.84 -1.21
N THR A 434 6.28 9.13 -1.45
CA THR A 434 5.39 10.11 -0.91
C THR A 434 4.02 9.82 -1.50
N LEU A 435 4.05 9.44 -2.80
CA LEU A 435 2.86 9.12 -3.53
C LEU A 435 2.08 8.02 -2.84
N LEU A 436 2.76 7.06 -2.27
CA LEU A 436 2.11 5.97 -1.69
C LEU A 436 1.66 6.38 -0.33
N ARG A 437 2.52 7.01 0.46
CA ARG A 437 2.10 7.36 1.83
C ARG A 437 0.90 8.35 1.86
N ASP A 438 0.92 9.27 0.88
CA ASP A 438 -0.13 10.27 0.74
C ASP A 438 -1.38 9.62 0.13
N ALA A 439 -1.21 8.72 -0.82
CA ALA A 439 -2.39 8.05 -1.31
C ALA A 439 -3.15 7.29 -0.23
N GLN A 440 -2.46 6.78 0.76
CA GLN A 440 -3.10 5.98 1.75
C GLN A 440 -4.04 6.74 2.65
N VAL A 441 -4.12 8.08 2.51
CA VAL A 441 -5.06 8.81 3.33
C VAL A 441 -6.44 8.74 2.74
N THR A 442 -6.46 8.51 1.43
CA THR A 442 -7.67 8.71 0.68
C THR A 442 -8.81 7.72 1.00
N PRO A 443 -8.54 6.42 1.24
CA PRO A 443 -9.62 5.54 1.66
C PRO A 443 -9.99 5.63 3.13
N ILE A 444 -9.29 6.47 3.86
CA ILE A 444 -9.52 6.55 5.27
C ILE A 444 -10.30 7.78 5.65
N TRP A 445 -9.97 8.93 5.13
CA TRP A 445 -10.60 10.12 5.71
C TRP A 445 -11.80 10.52 4.93
N GLU A 446 -12.67 11.27 5.58
CA GLU A 446 -13.93 11.62 4.97
C GLU A 446 -14.69 10.36 4.68
N GLY A 447 -14.67 9.40 5.60
CA GLY A 447 -15.34 8.13 5.43
C GLY A 447 -14.47 7.00 4.87
N THR A 448 -14.37 5.92 5.63
CA THR A 448 -13.66 4.76 5.17
C THR A 448 -14.44 4.08 4.06
N THR A 449 -13.78 3.13 3.43
CA THR A 449 -14.40 2.42 2.32
C THR A 449 -15.75 1.81 2.74
N ASN A 450 -15.74 1.10 3.85
CA ASN A 450 -16.98 0.53 4.37
C ASN A 450 -18.00 1.51 4.87
N VAL A 451 -17.60 2.59 5.47
CA VAL A 451 -18.62 3.56 5.92
C VAL A 451 -19.32 4.18 4.72
N LEU A 452 -18.57 4.52 3.71
CA LEU A 452 -19.20 5.05 2.49
C LEU A 452 -20.01 4.06 1.74
N SER A 453 -19.64 2.79 1.85
CA SER A 453 -20.44 1.73 1.28
C SER A 453 -21.83 1.71 1.93
N LEU A 454 -21.88 1.84 3.25
CA LEU A 454 -23.17 2.02 3.93
C LEU A 454 -23.93 3.26 3.44
N ASP A 455 -23.24 4.38 3.22
CA ASP A 455 -23.88 5.56 2.61
C ASP A 455 -24.47 5.22 1.26
N VAL A 456 -23.76 4.44 0.44
CA VAL A 456 -24.30 4.09 -0.84
C VAL A 456 -25.61 3.35 -0.66
N LEU A 457 -25.65 2.44 0.29
CA LEU A 457 -26.87 1.71 0.55
C LEU A 457 -27.98 2.63 1.04
N ARG A 458 -27.65 3.64 1.85
CA ARG A 458 -28.66 4.64 2.30
C ARG A 458 -29.25 5.44 1.18
N VAL A 459 -28.42 5.75 0.19
CA VAL A 459 -28.86 6.54 -0.93
C VAL A 459 -30.01 5.84 -1.58
N PHE A 460 -29.91 4.52 -1.73
CA PHE A 460 -30.95 3.81 -2.45
C PHE A 460 -31.98 2.99 -1.65
N SER A 461 -31.73 2.79 -0.37
CA SER A 461 -32.67 2.09 0.52
C SER A 461 -33.82 3.04 0.98
N GLY A 462 -35.06 2.58 1.02
CA GLY A 462 -35.65 1.59 0.16
C GLY A 462 -36.45 2.54 -0.72
N LYS A 463 -35.77 2.95 -1.78
CA LYS A 463 -36.26 3.93 -2.70
C LYS A 463 -35.94 3.31 -4.03
N GLU A 464 -36.93 2.60 -4.58
CA GLU A 464 -36.75 1.91 -5.85
C GLU A 464 -36.33 2.83 -7.05
N ASN A 465 -36.68 4.11 -6.96
CA ASN A 465 -36.38 5.07 -8.06
C ASN A 465 -34.90 5.14 -8.41
N ILE A 466 -34.05 5.03 -7.41
CA ILE A 466 -32.63 5.35 -7.57
C ILE A 466 -31.95 4.34 -8.47
N LEU A 467 -32.24 3.08 -8.29
CA LEU A 467 -31.67 2.08 -9.11
C LEU A 467 -32.28 2.02 -10.49
N LEU A 468 -33.58 2.30 -10.61
CA LEU A 468 -34.16 2.33 -11.94
C LEU A 468 -33.52 3.42 -12.76
N ALA A 469 -33.29 4.57 -12.12
CA ALA A 469 -32.58 5.66 -12.75
C ALA A 469 -31.12 5.30 -13.10
N PHE A 470 -30.41 4.59 -12.23
CA PHE A 470 -29.08 4.04 -12.59
C PHE A 470 -29.21 3.19 -13.85
N GLY A 471 -30.29 2.42 -13.88
CA GLY A 471 -30.66 1.62 -15.05
C GLY A 471 -30.77 2.45 -16.31
N LYS A 472 -31.48 3.56 -16.17
CA LYS A 472 -31.73 4.41 -17.30
C LYS A 472 -30.47 5.09 -17.71
N ARG A 473 -29.64 5.47 -16.76
CA ARG A 473 -28.42 6.14 -17.12
C ARG A 473 -27.48 5.23 -17.88
N VAL A 474 -27.45 3.98 -17.47
CA VAL A 474 -26.59 3.04 -18.09
C VAL A 474 -27.01 2.80 -19.53
N GLU A 475 -28.31 2.71 -19.73
CA GLU A 475 -28.83 2.52 -21.07
C GLU A 475 -28.59 3.69 -22.01
N GLN A 476 -28.73 4.89 -21.50
CA GLN A 476 -28.30 6.06 -22.22
C GLN A 476 -26.84 5.89 -22.68
N LEU A 477 -25.95 5.39 -21.80
CA LEU A 477 -24.59 5.36 -22.20
C LEU A 477 -24.37 4.28 -23.21
N LEU A 478 -25.11 3.20 -23.05
CA LEU A 478 -24.87 2.07 -23.91
C LEU A 478 -25.55 2.26 -25.28
N GLY A 479 -26.57 3.11 -25.35
CA GLY A 479 -27.30 3.24 -26.61
C GLY A 479 -26.48 3.87 -27.73
N ASN A 480 -25.33 4.40 -27.38
CA ASN A 480 -24.45 5.02 -28.34
C ASN A 480 -23.38 4.09 -28.86
N THR A 481 -23.29 2.90 -28.29
CA THR A 481 -22.23 1.96 -28.61
C THR A 481 -22.11 1.71 -30.10
N LYS A 482 -20.89 1.79 -30.62
CA LYS A 482 -20.57 1.31 -31.97
C LYS A 482 -20.64 -0.21 -31.94
N THR A 483 -21.86 -0.75 -31.93
CA THR A 483 -22.06 -2.22 -31.91
C THR A 483 -21.46 -2.96 -33.13
N GLU A 484 -21.11 -2.24 -34.20
CA GLU A 484 -20.37 -2.78 -35.36
C GLU A 484 -19.08 -3.37 -34.90
N ASP A 485 -18.52 -2.80 -33.84
CA ASP A 485 -17.32 -3.34 -33.25
C ASP A 485 -17.63 -4.51 -32.29
N GLU A 486 -17.03 -5.66 -32.57
CA GLU A 486 -17.31 -6.88 -31.81
C GLU A 486 -16.93 -6.74 -30.33
N LYS A 487 -15.85 -6.03 -30.07
CA LYS A 487 -15.37 -5.81 -28.71
C LYS A 487 -16.28 -4.90 -27.92
N LEU A 488 -16.71 -3.81 -28.55
CA LEU A 488 -17.65 -2.91 -27.89
C LEU A 488 -19.00 -3.56 -27.67
N LYS A 489 -19.38 -4.41 -28.61
CA LYS A 489 -20.59 -5.16 -28.48
C LYS A 489 -20.55 -6.10 -27.28
N LYS A 490 -19.46 -6.87 -27.14
CA LYS A 490 -19.35 -7.84 -26.04
C LYS A 490 -19.33 -7.09 -24.73
N SER A 491 -18.64 -5.96 -24.79
CA SER A 491 -18.58 -5.04 -23.73
C SER A 491 -19.98 -4.58 -23.26
N LYS A 492 -20.74 -4.15 -24.21
CA LYS A 492 -22.06 -3.75 -23.94
C LYS A 492 -22.88 -4.85 -23.32
N GLU A 493 -22.74 -6.04 -23.86
CA GLU A 493 -23.47 -7.16 -23.32
C GLU A 493 -23.09 -7.42 -21.87
N ALA A 494 -21.79 -7.39 -21.58
CA ALA A 494 -21.29 -7.61 -20.25
C ALA A 494 -21.87 -6.64 -19.23
N VAL A 495 -21.99 -5.39 -19.63
CA VAL A 495 -22.52 -4.39 -18.76
C VAL A 495 -24.00 -4.69 -18.56
N GLU A 496 -24.66 -5.05 -19.64
CA GLU A 496 -26.07 -5.37 -19.53
C GLU A 496 -26.34 -6.51 -18.57
N SER A 497 -25.67 -7.61 -18.81
CA SER A 497 -25.79 -8.80 -18.01
C SER A 497 -25.54 -8.48 -16.52
N ALA A 498 -24.52 -7.70 -16.28
CA ALA A 498 -24.17 -7.41 -14.88
C ALA A 498 -25.19 -6.50 -14.18
N LEU A 499 -25.63 -5.47 -14.88
CA LEU A 499 -26.61 -4.57 -14.36
C LEU A 499 -27.88 -5.31 -14.00
N LYS A 500 -28.19 -6.28 -14.84
CA LYS A 500 -29.41 -7.03 -14.67
C LYS A 500 -29.30 -7.79 -13.39
N GLN A 501 -28.21 -8.51 -13.28
CA GLN A 501 -28.02 -9.39 -12.13
C GLN A 501 -28.00 -8.64 -10.82
N LEU A 502 -27.41 -7.48 -10.87
CA LEU A 502 -27.41 -6.64 -9.72
C LEU A 502 -28.83 -6.30 -9.31
N GLN A 503 -29.62 -5.82 -10.25
CA GLN A 503 -31.00 -5.39 -9.94
C GLN A 503 -31.89 -6.47 -9.38
N LYS A 504 -31.74 -7.67 -9.94
CA LYS A 504 -32.39 -8.87 -9.45
C LYS A 504 -32.01 -9.16 -8.02
N LEU A 505 -30.70 -9.17 -7.72
CA LEU A 505 -30.29 -9.47 -6.35
C LEU A 505 -30.81 -8.45 -5.37
N LEU A 506 -30.89 -7.20 -5.76
CA LEU A 506 -31.35 -6.19 -4.81
C LEU A 506 -32.84 -6.18 -4.62
N VAL A 507 -33.58 -6.49 -5.68
CA VAL A 507 -35.00 -6.69 -5.55
C VAL A 507 -35.24 -7.82 -4.55
N LYS A 508 -34.50 -8.90 -4.76
CA LYS A 508 -34.70 -10.13 -4.01
C LYS A 508 -34.40 -9.91 -2.54
N ALA A 509 -33.37 -9.12 -2.26
CA ALA A 509 -32.98 -8.77 -0.90
C ALA A 509 -33.95 -7.81 -0.25
N SER A 510 -34.64 -7.03 -1.07
CA SER A 510 -35.74 -6.15 -0.61
C SER A 510 -37.00 -6.86 -0.16
N ASP A 511 -37.10 -8.15 -0.41
CA ASP A 511 -38.34 -8.87 -0.11
C ASP A 511 -38.52 -8.98 1.39
N SER A 512 -39.55 -8.32 1.89
CA SER A 512 -39.86 -8.22 3.32
C SER A 512 -39.92 -9.53 4.13
N ALA A 513 -40.05 -10.69 3.46
CA ALA A 513 -39.92 -12.02 4.11
C ALA A 513 -38.44 -12.52 4.04
N ILE A 514 -37.88 -12.53 2.83
CA ILE A 514 -36.45 -12.80 2.66
C ILE A 514 -35.61 -12.12 3.77
N GLN A 515 -35.96 -10.87 4.09
CA GLN A 515 -35.19 -10.03 5.04
C GLN A 515 -34.81 -10.58 6.43
N GLY A 516 -35.67 -11.38 7.05
CA GLY A 516 -35.30 -11.97 8.32
C GLY A 516 -33.97 -12.68 8.22
N GLU A 517 -33.77 -13.44 7.15
CA GLU A 517 -32.56 -14.23 6.99
C GLU A 517 -31.51 -13.51 6.12
N THR A 518 -31.55 -12.17 6.07
CA THR A 518 -30.85 -11.37 5.05
C THR A 518 -30.13 -10.10 5.57
N ARG A 519 -28.81 -10.03 5.35
CA ARG A 519 -28.03 -8.87 5.78
C ARG A 519 -27.32 -8.27 4.56
N ILE A 520 -27.94 -7.27 4.00
CA ILE A 520 -27.40 -6.50 2.92
C ILE A 520 -26.17 -5.60 3.28
N ASP A 521 -26.13 -5.07 4.50
CA ASP A 521 -24.97 -4.33 4.97
C ASP A 521 -23.69 -5.17 4.87
N SER A 522 -23.83 -6.46 5.08
CA SER A 522 -22.73 -7.36 4.99
C SER A 522 -21.98 -7.31 3.65
N VAL A 523 -22.74 -7.09 2.58
CA VAL A 523 -22.15 -7.05 1.25
C VAL A 523 -22.20 -5.64 0.76
N ALA A 524 -22.28 -4.64 1.62
CA ALA A 524 -22.38 -3.27 1.06
C ALA A 524 -21.21 -2.90 0.12
N ARG A 525 -20.01 -3.35 0.44
CA ARG A 525 -18.86 -3.06 -0.40
C ARG A 525 -18.97 -3.70 -1.79
N HIS A 526 -19.38 -4.94 -1.83
CA HIS A 526 -19.53 -5.61 -3.09
C HIS A 526 -20.54 -4.90 -3.92
N ILE A 527 -21.60 -4.44 -3.26
CA ILE A 527 -22.61 -3.77 -3.94
C ILE A 527 -22.06 -2.53 -4.55
N ALA A 528 -21.43 -1.72 -3.71
CA ALA A 528 -20.93 -0.46 -4.20
C ALA A 528 -19.89 -0.62 -5.34
N PHE A 529 -19.09 -1.67 -5.29
CA PHE A 529 -18.04 -1.89 -6.29
C PHE A 529 -18.68 -2.23 -7.62
N THR A 530 -19.79 -2.93 -7.53
CA THR A 530 -20.47 -3.36 -8.72
C THR A 530 -21.06 -2.14 -9.38
N ILE A 531 -21.73 -1.30 -8.60
CA ILE A 531 -22.24 -0.05 -9.16
C ILE A 531 -21.07 0.71 -9.84
N ALA A 532 -19.96 0.81 -9.15
CA ALA A 532 -18.81 1.55 -9.69
C ALA A 532 -18.39 1.02 -11.05
N ARG A 533 -18.31 -0.29 -11.17
CA ARG A 533 -17.68 -0.89 -12.29
C ARG A 533 -18.61 -0.82 -13.49
N ILE A 534 -19.89 -1.02 -13.20
CA ILE A 534 -20.92 -0.89 -14.21
C ILE A 534 -20.99 0.51 -14.71
N TYR A 535 -21.06 1.48 -13.83
CA TYR A 535 -21.10 2.85 -14.29
C TYR A 535 -19.87 3.17 -15.13
N SER A 536 -18.69 2.83 -14.61
CA SER A 536 -17.49 3.22 -15.24
C SER A 536 -17.37 2.48 -16.61
N GLY A 537 -17.70 1.19 -16.61
CA GLY A 537 -17.71 0.46 -17.80
C GLY A 537 -18.49 1.13 -18.89
N ALA A 538 -19.69 1.56 -18.53
CA ALA A 538 -20.58 2.07 -19.50
C ALA A 538 -20.00 3.37 -19.99
N LEU A 539 -19.35 4.08 -19.09
CA LEU A 539 -18.81 5.37 -19.53
C LEU A 539 -17.64 5.15 -20.48
N LEU A 540 -16.83 4.15 -20.25
CA LEU A 540 -15.72 3.80 -21.14
C LEU A 540 -16.19 3.39 -22.52
N ILE A 541 -17.36 2.75 -22.57
CA ILE A 541 -17.94 2.35 -23.86
C ILE A 541 -18.41 3.53 -24.67
N ASP A 542 -19.16 4.38 -23.99
CA ASP A 542 -19.59 5.60 -24.58
C ASP A 542 -18.43 6.42 -25.16
N HIS A 543 -17.36 6.46 -24.40
CA HIS A 543 -16.20 7.22 -24.76
C HIS A 543 -15.55 6.59 -26.01
N ALA A 544 -15.40 5.28 -25.99
CA ALA A 544 -14.79 4.57 -27.08
C ALA A 544 -15.59 4.71 -28.38
N SER A 545 -16.88 4.96 -28.23
CA SER A 545 -17.80 4.93 -29.34
C SER A 545 -17.94 6.28 -29.99
N ASP A 546 -17.46 7.34 -29.38
CA ASP A 546 -17.41 8.64 -29.99
C ASP A 546 -16.22 8.75 -30.97
N SER A 547 -16.48 8.48 -32.24
CA SER A 547 -15.49 8.50 -33.33
C SER A 547 -14.80 9.82 -33.57
N SER A 548 -15.43 10.93 -33.21
CA SER A 548 -14.77 12.21 -33.36
C SER A 548 -13.50 12.32 -32.48
N VAL A 549 -13.39 11.54 -31.39
CA VAL A 549 -12.20 11.63 -30.56
C VAL A 549 -11.50 10.30 -30.27
N ALA A 550 -12.23 9.21 -30.26
CA ALA A 550 -11.67 7.98 -29.71
C ALA A 550 -10.56 7.42 -30.57
N ASN A 551 -9.64 6.72 -29.98
CA ASN A 551 -8.67 5.99 -30.78
C ASN A 551 -8.87 4.53 -30.41
N GLN A 552 -7.96 3.68 -30.88
CA GLN A 552 -8.08 2.25 -30.76
C GLN A 552 -7.82 1.79 -29.34
N SER A 553 -7.02 2.56 -28.60
CA SER A 553 -6.74 2.23 -27.21
C SER A 553 -8.04 2.31 -26.43
N ASP A 554 -8.90 3.24 -26.86
CA ASP A 554 -10.14 3.51 -26.17
C ASP A 554 -11.01 2.32 -26.24
N ILE A 555 -11.08 1.75 -27.43
CA ILE A 555 -11.88 0.56 -27.64
C ILE A 555 -11.34 -0.57 -26.83
N GLU A 556 -10.04 -0.68 -26.84
CA GLU A 556 -9.42 -1.79 -26.21
C GLU A 556 -9.57 -1.72 -24.66
N VAL A 557 -9.35 -0.54 -24.12
CA VAL A 557 -9.53 -0.35 -22.70
C VAL A 557 -10.97 -0.65 -22.28
N ALA A 558 -11.92 -0.21 -23.08
CA ALA A 558 -13.33 -0.44 -22.76
C ALA A 558 -13.62 -1.91 -22.73
N TYR A 559 -13.04 -2.63 -23.67
CA TYR A 559 -13.23 -4.07 -23.76
C TYR A 559 -12.64 -4.78 -22.56
N ARG A 560 -11.47 -4.33 -22.11
CA ARG A 560 -10.77 -5.00 -21.07
C ARG A 560 -11.43 -4.70 -19.73
N TYR A 561 -11.84 -3.47 -19.54
CA TYR A 561 -12.44 -3.09 -18.33
C TYR A 561 -13.67 -3.95 -18.14
N CYS A 562 -14.43 -4.17 -19.23
CA CYS A 562 -15.79 -4.71 -19.11
C CYS A 562 -15.83 -6.21 -19.16
N CYS A 563 -14.88 -6.81 -19.84
CA CYS A 563 -14.95 -8.21 -20.17
C CYS A 563 -13.82 -8.98 -19.54
N GLU A 564 -12.74 -8.33 -19.11
CA GLU A 564 -11.60 -9.08 -18.57
C GLU A 564 -11.47 -9.06 -17.01
N GLN A 565 -12.44 -8.48 -16.33
CA GLN A 565 -12.62 -8.62 -14.88
C GLN A 565 -14.11 -8.57 -14.65
N PRO A 566 -14.56 -9.26 -13.62
CA PRO A 566 -15.98 -9.28 -13.34
C PRO A 566 -16.44 -7.86 -13.04
N LEU A 567 -17.55 -7.47 -13.63
CA LEU A 567 -18.22 -6.23 -13.29
C LEU A 567 -19.07 -6.42 -12.07
N ILE A 568 -19.52 -7.64 -11.83
CA ILE A 568 -20.30 -7.92 -10.63
C ILE A 568 -19.63 -9.06 -9.85
N ASP A 569 -19.38 -8.83 -8.57
CA ASP A 569 -18.82 -9.87 -7.73
C ASP A 569 -19.67 -9.88 -6.51
N LEU A 570 -20.72 -10.69 -6.57
CA LEU A 570 -21.80 -10.61 -5.64
C LEU A 570 -22.71 -11.81 -5.84
N ARG A 571 -22.84 -12.65 -4.84
CA ARG A 571 -23.66 -13.82 -4.95
C ARG A 571 -24.72 -13.79 -3.92
N TRP A 572 -25.84 -14.44 -4.24
CA TRP A 572 -27.00 -14.41 -3.38
C TRP A 572 -26.69 -14.99 -2.00
N GLU A 573 -25.91 -16.07 -1.97
CA GLU A 573 -25.60 -16.69 -0.68
C GLU A 573 -24.76 -15.83 0.26
N TRP A 574 -24.09 -14.79 -0.25
CA TRP A 574 -23.42 -13.84 0.63
C TRP A 574 -24.35 -12.90 1.39
N PHE A 575 -25.65 -12.88 1.08
CA PHE A 575 -26.59 -12.07 1.81
C PHE A 575 -27.12 -12.76 3.09
N ALA A 576 -26.91 -14.07 3.21
CA ALA A 576 -27.49 -14.86 4.28
C ALA A 576 -27.01 -14.42 5.65
N SER A 577 -27.92 -14.17 6.57
CA SER A 577 -27.53 -13.97 7.97
C SER A 577 -26.60 -15.05 8.53
N GLU A 578 -26.76 -16.31 8.15
CA GLU A 578 -26.00 -17.40 8.72
C GLU A 578 -24.49 -17.23 8.47
N ARG A 579 -24.16 -17.00 7.20
CA ARG A 579 -22.87 -16.50 6.76
C ARG A 579 -22.15 -15.60 7.76
N VAL A 580 -22.88 -14.72 8.44
CA VAL A 580 -22.29 -13.83 9.44
C VAL A 580 -21.62 -14.57 10.61
N LYS A 581 -22.31 -15.61 11.06
CA LYS A 581 -21.82 -16.49 12.10
C LYS A 581 -20.54 -17.15 11.63
N ALA A 582 -20.54 -17.64 10.40
CA ALA A 582 -19.34 -18.22 9.79
C ALA A 582 -18.17 -17.24 9.65
N ASP A 583 -18.44 -16.00 9.25
CA ASP A 583 -17.46 -14.95 9.24
C ASP A 583 -16.78 -14.73 10.60
N ARG A 584 -17.58 -14.61 11.63
CA ARG A 584 -17.08 -14.46 12.99
C ARG A 584 -16.19 -15.59 13.47
N GLU A 585 -16.60 -16.82 13.22
CA GLU A 585 -15.78 -17.98 13.60
C GLU A 585 -14.42 -17.94 12.96
N ILE A 586 -14.40 -17.63 11.67
CA ILE A 586 -13.17 -17.52 10.94
C ILE A 586 -12.29 -16.45 11.54
N VAL A 587 -12.84 -15.28 11.73
CA VAL A 587 -12.10 -14.15 12.21
C VAL A 587 -11.56 -14.38 13.66
N PHE A 588 -12.39 -14.93 14.53
CA PHE A 588 -12.04 -15.01 15.96
C PHE A 588 -11.54 -16.38 16.40
N ASP A 589 -11.13 -17.18 15.42
CA ASP A 589 -10.46 -18.43 15.71
C ASP A 589 -9.21 -18.23 16.61
N ASN A 590 -9.24 -18.90 17.77
CA ASN A 590 -8.21 -18.80 18.79
C ASN A 590 -8.02 -17.43 19.40
N PHE A 591 -9.00 -16.57 19.22
CA PHE A 591 -8.87 -15.24 19.76
C PHE A 591 -8.87 -15.31 21.29
N THR A 592 -7.93 -14.57 21.86
CA THR A 592 -7.63 -14.66 23.28
C THR A 592 -7.94 -13.28 23.97
N THR B 1 -0.45 38.64 53.98
CA THR B 1 -1.78 37.96 54.07
C THR B 1 -2.66 38.23 52.82
N ILE B 2 -2.30 37.66 51.69
CA ILE B 2 -3.09 37.81 50.48
C ILE B 2 -4.05 36.62 50.34
N THR B 3 -5.00 36.72 49.40
CA THR B 3 -5.87 35.61 49.03
C THR B 3 -4.99 34.58 48.31
N ALA B 4 -5.01 33.35 48.78
CA ALA B 4 -4.30 32.26 48.15
C ALA B 4 -4.70 32.14 46.69
N ARG B 5 -3.82 31.58 45.90
CA ARG B 5 -4.05 31.41 44.47
C ARG B 5 -3.90 29.96 44.00
N HIS B 6 -4.08 28.99 44.90
CA HIS B 6 -4.15 27.53 44.47
C HIS B 6 -5.03 27.30 43.22
N THR B 7 -6.21 27.94 43.23
CA THR B 7 -7.19 27.88 42.13
C THR B 7 -6.62 28.28 40.74
N GLN B 8 -5.54 29.09 40.72
CA GLN B 8 -4.94 29.64 39.48
C GLN B 8 -3.89 28.71 38.90
N TYR B 9 -3.71 27.55 39.52
CA TYR B 9 -2.79 26.56 38.97
C TYR B 9 -3.50 25.24 38.80
N SER B 10 -3.72 24.86 37.55
CA SER B 10 -4.65 23.78 37.27
C SER B 10 -4.40 23.19 35.90
N HIS B 11 -4.33 21.87 35.83
CA HIS B 11 -4.23 21.14 34.59
C HIS B 11 -5.41 21.33 33.66
N ALA B 12 -5.16 21.16 32.36
CA ALA B 12 -6.18 21.27 31.34
C ALA B 12 -7.14 20.11 31.44
N LYS B 13 -8.44 20.39 31.41
CA LYS B 13 -9.45 19.32 31.25
C LYS B 13 -9.67 19.00 29.76
N THR B 14 -9.71 17.71 29.39
CA THR B 14 -9.89 17.30 27.99
C THR B 14 -11.06 16.35 27.72
N GLY B 15 -12.02 16.33 28.64
CA GLY B 15 -13.24 15.54 28.48
C GLY B 15 -13.28 14.16 29.16
N GLY B 16 -12.12 13.58 29.49
CA GLY B 16 -12.07 12.29 30.16
C GLY B 16 -11.96 11.13 29.18
N PHE B 17 -12.48 11.23 28.00
CA PHE B 17 -12.40 10.05 27.16
C PHE B 17 -11.03 9.93 26.43
N SER B 18 -10.52 8.71 26.31
CA SER B 18 -9.54 8.35 25.28
C SER B 18 -9.68 6.85 24.90
N GLN B 19 -9.49 6.52 23.62
CA GLN B 19 -9.69 5.17 23.14
C GLN B 19 -8.54 4.28 23.60
N THR B 20 -8.90 3.07 24.07
CA THR B 20 -7.92 2.00 24.26
C THR B 20 -7.42 1.35 22.92
N GLY B 21 -6.11 1.38 22.68
CA GLY B 21 -5.53 0.78 21.45
C GLY B 21 -5.54 -0.77 21.49
N PRO B 22 -5.06 -1.39 20.41
CA PRO B 22 -5.08 -2.86 20.35
C PRO B 22 -4.03 -3.51 21.27
N THR B 23 -4.28 -4.76 21.67
CA THR B 23 -3.39 -5.55 22.47
C THR B 23 -2.75 -6.64 21.61
N LEU B 24 -1.43 -6.75 21.66
CA LEU B 24 -0.75 -7.91 21.06
C LEU B 24 -0.83 -9.13 21.96
N HIS B 25 -1.54 -10.18 21.58
CA HIS B 25 -1.54 -11.39 22.39
C HIS B 25 -0.35 -12.28 22.01
N ASN B 26 -0.02 -13.25 22.87
CA ASN B 26 1.00 -14.24 22.55
C ASN B 26 0.83 -14.78 21.11
N PRO B 27 1.76 -14.50 20.22
CA PRO B 27 1.43 -14.79 18.81
C PRO B 27 1.48 -16.27 18.46
N TYR B 28 1.98 -17.15 19.33
CA TYR B 28 1.84 -18.54 19.04
C TYR B 28 0.43 -18.98 19.46
N LYS B 29 -0.04 -18.55 20.63
CA LYS B 29 -1.33 -19.03 21.13
C LYS B 29 -2.52 -18.44 20.42
N ASP B 30 -2.35 -17.18 20.08
CA ASP B 30 -3.36 -16.43 19.42
C ASP B 30 -3.46 -16.80 17.92
N ASP B 31 -2.40 -17.36 17.33
CA ASP B 31 -2.46 -17.68 15.86
C ASP B 31 -3.55 -18.74 15.47
N PRO B 32 -4.41 -18.40 14.50
CA PRO B 32 -5.50 -19.27 14.12
C PRO B 32 -5.11 -20.63 13.66
N ILE B 33 -4.08 -20.77 12.85
CA ILE B 33 -3.77 -22.11 12.33
C ILE B 33 -2.41 -22.67 12.64
N LEU B 34 -1.51 -21.84 13.17
CA LEU B 34 -0.11 -22.23 13.29
C LEU B 34 0.05 -23.52 14.14
N ASP B 35 -0.47 -23.52 15.35
CA ASP B 35 -0.38 -24.69 16.22
C ASP B 35 -0.98 -25.94 15.60
N ARG B 36 -2.17 -25.80 15.04
CA ARG B 36 -2.81 -26.94 14.37
C ARG B 36 -1.98 -27.46 13.19
N THR B 37 -1.43 -26.57 12.42
CA THR B 37 -0.64 -26.94 11.28
C THR B 37 0.54 -27.77 11.75
N LEU B 38 1.13 -27.35 12.85
CA LEU B 38 2.23 -28.09 13.44
C LEU B 38 1.83 -29.44 14.00
N ARG B 39 0.65 -29.51 14.61
CA ARG B 39 0.15 -30.79 15.06
C ARG B 39 0.21 -31.80 13.89
N ARG B 40 -0.15 -31.34 12.70
CA ARG B 40 -0.23 -32.23 11.56
C ARG B 40 1.09 -32.52 10.91
N LEU B 41 2.01 -31.60 10.87
CA LEU B 41 3.23 -31.88 10.13
C LEU B 41 4.30 -32.58 10.93
N LEU B 42 4.34 -32.36 12.23
CA LEU B 42 5.39 -32.95 13.05
C LEU B 42 4.94 -34.20 13.75
N PRO B 43 5.88 -35.10 14.02
CA PRO B 43 5.62 -36.24 14.89
C PRO B 43 5.29 -35.81 16.32
N GLU B 44 4.56 -36.64 17.04
CA GLU B 44 4.13 -36.25 18.38
C GLU B 44 5.27 -35.79 19.28
N SER B 45 6.33 -36.59 19.40
CA SER B 45 7.46 -36.21 20.28
C SER B 45 8.01 -34.84 19.95
N GLU B 46 8.21 -34.59 18.66
CA GLU B 46 8.77 -33.34 18.23
C GLU B 46 7.77 -32.18 18.35
N TYR B 47 6.46 -32.45 18.21
CA TYR B 47 5.46 -31.41 18.34
C TYR B 47 5.49 -30.80 19.73
N MET B 48 5.57 -31.63 20.75
CA MET B 48 5.53 -31.15 22.12
C MET B 48 6.70 -30.22 22.31
N ARG B 49 7.86 -30.63 21.82
CA ARG B 49 9.07 -29.89 22.06
C ARG B 49 8.98 -28.55 21.39
N VAL B 50 8.48 -28.56 20.15
CA VAL B 50 8.44 -27.36 19.37
C VAL B 50 7.39 -26.40 19.86
N ALA B 51 6.20 -26.89 20.09
CA ALA B 51 5.14 -26.04 20.66
C ALA B 51 5.62 -25.30 21.92
N ALA B 52 6.29 -26.03 22.79
CA ALA B 52 6.74 -25.47 24.08
C ALA B 52 7.69 -24.31 23.87
N ASP B 53 8.63 -24.49 22.94
CA ASP B 53 9.64 -23.50 22.67
C ASP B 53 9.03 -22.24 22.01
N LEU B 54 8.12 -22.47 21.10
CA LEU B 54 7.48 -21.40 20.40
C LEU B 54 6.54 -20.61 21.30
N SER B 55 5.72 -21.32 22.04
CA SER B 55 4.81 -20.70 22.99
C SER B 55 5.56 -19.83 24.03
N LYS B 56 6.63 -20.38 24.59
CA LYS B 56 7.52 -19.57 25.44
C LYS B 56 8.09 -18.31 24.71
N PHE B 57 8.52 -18.48 23.47
CA PHE B 57 9.02 -17.39 22.71
C PHE B 57 7.91 -16.39 22.45
N GLY B 58 6.68 -16.87 22.33
CA GLY B 58 5.59 -15.97 22.19
C GLY B 58 5.58 -14.96 23.33
N ASP B 59 5.85 -15.45 24.52
CA ASP B 59 5.79 -14.62 25.66
C ASP B 59 6.91 -13.64 25.69
N ARG B 60 8.05 -14.06 25.17
CA ARG B 60 9.15 -13.12 25.00
C ARG B 60 8.86 -12.07 23.93
N ILE B 61 8.05 -12.38 22.94
CA ILE B 61 7.73 -11.40 21.92
C ILE B 61 6.94 -10.27 22.62
N THR B 62 5.95 -10.63 23.40
CA THR B 62 5.10 -9.61 24.02
C THR B 62 5.80 -8.82 25.14
N SER B 63 6.58 -9.50 25.97
CA SER B 63 7.22 -8.81 27.08
C SER B 63 8.50 -8.05 26.76
N GLU B 64 9.19 -8.42 25.67
CA GLU B 64 10.47 -7.87 25.38
C GLU B 64 10.72 -7.50 23.91
N VAL B 65 10.48 -8.39 22.96
CA VAL B 65 10.99 -8.17 21.59
C VAL B 65 10.23 -7.03 20.90
N GLU B 66 8.92 -7.04 21.06
CA GLU B 66 8.11 -6.03 20.48
C GLU B 66 8.63 -4.67 20.82
N HIS B 67 8.84 -4.40 22.12
CA HIS B 67 9.35 -3.11 22.56
CA HIS B 67 9.33 -3.13 22.56
C HIS B 67 10.70 -2.86 21.89
N LEU B 68 11.60 -3.83 21.94
CA LEU B 68 12.92 -3.61 21.29
C LEU B 68 12.81 -3.23 19.84
N GLY B 69 11.90 -3.88 19.14
CA GLY B 69 11.83 -3.67 17.68
C GLY B 69 11.27 -2.31 17.44
N ARG B 70 10.45 -1.87 18.38
CA ARG B 70 9.82 -0.57 18.21
C ARG B 70 10.87 0.55 18.37
N GLN B 71 11.66 0.43 19.43
CA GLN B 71 12.79 1.33 19.65
C GLN B 71 13.75 1.39 18.48
N ALA B 72 13.99 0.28 17.79
CA ALA B 72 14.89 0.32 16.64
C ALA B 72 14.33 1.19 15.55
N GLU B 73 13.02 1.34 15.51
CA GLU B 73 12.37 2.29 14.54
C GLU B 73 12.52 3.74 15.00
N LEU B 74 12.43 3.96 16.30
CA LEU B 74 12.48 5.28 16.87
C LEU B 74 13.87 5.94 16.88
N GLU B 75 14.93 5.10 16.94
CA GLU B 75 16.32 5.53 17.04
C GLU B 75 17.10 4.95 15.83
N GLN B 76 16.89 5.53 14.68
CA GLN B 76 17.46 5.01 13.47
C GLN B 76 18.98 5.07 13.31
N PRO B 77 19.55 4.16 12.54
CA PRO B 77 21.02 4.19 12.31
C PRO B 77 21.52 5.47 11.69
N ARG B 78 22.75 5.89 12.04
CA ARG B 78 23.45 7.01 11.41
C ARG B 78 24.87 6.65 10.96
N LEU B 79 25.39 7.43 10.02
CA LEU B 79 26.72 7.26 9.48
C LEU B 79 27.48 8.57 9.66
N GLU B 80 28.72 8.48 10.14
CA GLU B 80 29.66 9.62 10.15
C GLU B 80 30.89 9.23 9.34
N HIS B 81 31.10 9.90 8.22
CA HIS B 81 32.26 9.61 7.39
C HIS B 81 33.55 9.81 8.15
N GLN B 82 33.57 10.90 8.89
CA GLN B 82 34.74 11.41 9.53
C GLN B 82 34.55 11.60 11.06
N ASP B 83 35.67 11.49 11.77
CA ASP B 83 35.74 11.90 13.15
C ASP B 83 36.01 13.37 13.11
N ALA B 84 36.26 13.97 14.26
CA ALA B 84 36.33 15.39 14.31
C ALA B 84 37.67 15.97 13.97
N TRP B 85 38.67 15.13 13.75
CA TRP B 85 40.02 15.58 13.50
C TRP B 85 40.53 15.39 12.05
N GLY B 86 39.61 15.03 11.16
CA GLY B 86 39.88 14.93 9.74
C GLY B 86 40.13 13.53 9.25
N LYS B 87 39.81 12.55 10.07
CA LYS B 87 40.16 11.19 9.81
C LYS B 87 38.93 10.43 9.38
N ARG B 88 39.10 9.67 8.32
CA ARG B 88 38.02 8.90 7.75
C ARG B 88 37.82 7.62 8.55
N VAL B 89 36.63 7.44 9.08
CA VAL B 89 36.31 6.34 9.99
C VAL B 89 35.02 5.61 9.62
N ASP B 90 34.13 6.23 8.87
CA ASP B 90 32.91 5.55 8.47
C ASP B 90 32.26 4.92 9.69
N LYS B 91 32.01 5.73 10.71
CA LYS B 91 31.41 5.22 11.90
C LYS B 91 29.90 5.01 11.75
N LEU B 92 29.45 3.79 11.97
CA LEU B 92 28.04 3.46 11.86
C LEU B 92 27.35 3.45 13.25
N ILE B 93 26.38 4.29 13.43
CA ILE B 93 25.76 4.40 14.77
C ILE B 93 24.39 3.79 14.75
N VAL B 94 24.25 2.69 15.48
CA VAL B 94 23.02 1.97 15.59
C VAL B 94 22.65 1.75 17.06
N CYS B 95 21.36 1.64 17.32
CA CYS B 95 20.89 1.68 18.67
C CYS B 95 21.10 0.36 19.37
N ASN B 96 21.16 0.46 20.69
CA ASN B 96 21.33 -0.70 21.56
C ASN B 96 20.31 -1.82 21.29
N GLU B 97 19.06 -1.44 21.04
CA GLU B 97 18.03 -2.44 20.78
C GLU B 97 18.30 -3.35 19.55
N TRP B 98 18.83 -2.79 18.47
CA TRP B 98 19.25 -3.57 17.33
C TRP B 98 20.21 -4.68 17.76
N HIS B 99 21.23 -4.31 18.50
CA HIS B 99 22.22 -5.26 19.01
C HIS B 99 21.63 -6.32 19.91
N LYS B 100 20.76 -5.89 20.81
CA LYS B 100 20.08 -6.78 21.70
C LYS B 100 19.21 -7.71 20.92
N LEU B 101 18.56 -7.20 19.91
CA LEU B 101 17.79 -8.05 19.03
C LEU B 101 18.65 -9.13 18.33
N LYS B 102 19.82 -8.78 17.82
CA LYS B 102 20.74 -9.80 17.24
C LYS B 102 21.15 -10.85 18.27
N GLN B 103 21.28 -10.44 19.52
CA GLN B 103 21.67 -11.39 20.55
C GLN B 103 20.55 -12.33 20.92
N ILE B 104 19.34 -11.83 20.97
CA ILE B 104 18.21 -12.67 21.25
C ILE B 104 18.10 -13.74 20.13
N CYS B 105 18.27 -13.34 18.88
CA CYS B 105 18.29 -14.31 17.77
C CYS B 105 19.29 -15.45 17.97
N ALA B 106 20.48 -15.09 18.42
CA ALA B 106 21.49 -16.06 18.74
C ALA B 106 20.98 -16.97 19.86
N GLU B 107 20.58 -16.39 20.98
CA GLU B 107 20.15 -17.19 22.13
C GLU B 107 18.96 -18.05 21.79
N GLU B 108 18.02 -17.49 21.05
CA GLU B 108 16.81 -18.21 20.67
C GLU B 108 17.03 -19.16 19.49
N GLY B 109 18.24 -19.15 18.93
CA GLY B 109 18.61 -20.10 17.87
C GLY B 109 17.91 -19.93 16.58
N VAL B 110 17.66 -18.69 16.25
CA VAL B 110 16.82 -18.43 15.11
C VAL B 110 17.48 -18.96 13.82
N ILE B 111 18.81 -19.06 13.85
CA ILE B 111 19.59 -19.70 12.81
C ILE B 111 19.95 -21.14 13.21
N SER B 112 20.45 -21.28 14.43
CA SER B 112 20.93 -22.53 14.92
C SER B 112 19.94 -23.62 14.70
N ILE B 113 18.68 -23.34 15.02
CA ILE B 113 17.67 -24.36 14.94
C ILE B 113 17.60 -24.99 13.54
N GLY B 114 17.85 -24.21 12.50
CA GLY B 114 17.70 -24.70 11.17
C GLY B 114 18.79 -25.62 10.74
N TYR B 115 19.84 -25.72 11.54
CA TYR B 115 20.97 -26.58 11.25
C TYR B 115 21.37 -27.57 12.32
N GLU B 116 20.61 -27.69 13.40
CA GLU B 116 21.06 -28.49 14.53
C GLU B 116 21.16 -29.99 14.15
N ASP B 117 22.37 -30.52 14.14
CA ASP B 117 22.64 -31.88 13.61
C ASP B 117 21.88 -32.98 14.35
N SER B 118 21.70 -32.82 15.66
CA SER B 118 20.92 -33.77 16.46
C SER B 118 19.46 -33.86 16.06
N VAL B 119 18.94 -32.90 15.33
CA VAL B 119 17.52 -32.91 14.91
C VAL B 119 17.32 -33.24 13.43
N ASP B 120 16.25 -33.97 13.19
CA ASP B 120 15.82 -34.26 11.85
C ASP B 120 15.61 -33.01 10.97
N PRO B 121 16.24 -32.98 9.78
CA PRO B 121 16.19 -31.78 8.99
C PRO B 121 14.79 -31.29 8.70
N PHE B 122 13.87 -32.21 8.51
CA PHE B 122 12.52 -31.77 8.15
C PHE B 122 11.84 -31.13 9.35
N VAL B 123 12.11 -31.67 10.54
CA VAL B 123 11.57 -31.08 11.76
C VAL B 123 12.10 -29.67 11.96
N ARG B 124 13.40 -29.53 11.76
CA ARG B 124 14.01 -28.33 12.20
C ARG B 124 13.65 -27.12 11.35
N ARG B 125 13.52 -27.29 10.06
CA ARG B 125 13.11 -26.18 9.25
C ARG B 125 11.71 -25.75 9.54
N ILE B 126 10.86 -26.67 9.95
CA ILE B 126 9.49 -26.31 10.24
C ILE B 126 9.47 -25.59 11.58
N HIS B 127 10.29 -26.03 12.52
CA HIS B 127 10.44 -25.32 13.77
C HIS B 127 10.95 -23.91 13.52
N GLN B 128 11.94 -23.79 12.66
CA GLN B 128 12.63 -22.54 12.42
C GLN B 128 11.75 -21.52 11.76
N VAL B 129 11.09 -21.97 10.73
CA VAL B 129 10.13 -21.15 10.03
C VAL B 129 9.02 -20.68 10.96
N ALA B 130 8.47 -21.53 11.80
CA ALA B 130 7.48 -21.08 12.79
C ALA B 130 8.07 -20.00 13.71
N LYS B 131 9.37 -20.14 14.06
CA LYS B 131 9.99 -19.19 14.98
C LYS B 131 10.26 -17.85 14.32
N LEU B 132 10.73 -17.90 13.09
CA LEU B 132 10.91 -16.71 12.28
C LEU B 132 9.60 -16.01 12.07
N PHE B 133 8.53 -16.79 11.93
CA PHE B 133 7.24 -16.19 11.70
C PHE B 133 6.76 -15.50 13.00
N LEU B 134 7.07 -16.02 14.16
CA LEU B 134 6.71 -15.26 15.36
C LEU B 134 7.54 -13.97 15.52
N PHE B 135 8.84 -14.07 15.19
CA PHE B 135 9.78 -12.99 15.38
C PHE B 135 9.59 -11.80 14.44
N SER B 136 9.34 -12.11 13.16
CA SER B 136 9.51 -11.17 12.12
C SER B 136 8.79 -9.81 12.27
N PRO B 137 7.50 -9.82 12.58
CA PRO B 137 6.84 -8.54 12.66
C PRO B 137 7.15 -7.76 13.95
N SER B 138 7.74 -8.39 14.96
CA SER B 138 8.33 -7.68 16.09
C SER B 138 9.83 -7.44 15.98
N ALA B 139 10.46 -7.72 14.87
CA ALA B 139 11.93 -7.82 14.87
C ALA B 139 12.66 -6.50 14.69
N GLY B 140 11.94 -5.42 14.38
CA GLY B 140 12.63 -4.21 14.03
C GLY B 140 13.55 -4.45 12.84
N LEU B 141 13.18 -5.37 11.97
CA LEU B 141 13.96 -5.69 10.80
C LEU B 141 15.27 -6.42 10.94
N VAL B 142 15.51 -6.95 12.13
CA VAL B 142 16.61 -7.88 12.34
C VAL B 142 16.38 -9.17 11.57
N SER B 143 15.10 -9.42 11.28
CA SER B 143 14.72 -10.41 10.32
C SER B 143 15.53 -10.40 9.01
N CYS B 144 16.01 -9.24 8.60
CA CYS B 144 16.73 -9.15 7.35
C CYS B 144 18.15 -9.73 7.47
N PRO B 145 18.91 -9.38 8.50
CA PRO B 145 20.18 -10.11 8.58
C PRO B 145 20.02 -11.58 8.96
N MET B 146 18.94 -11.94 9.65
CA MET B 146 18.67 -13.35 9.92
C MET B 146 18.58 -14.11 8.58
N ALA B 147 17.94 -13.51 7.57
CA ALA B 147 17.72 -14.15 6.35
C ALA B 147 19.03 -14.35 5.59
N MET B 148 19.83 -13.32 5.53
CA MET B 148 21.06 -13.36 4.80
C MET B 148 22.07 -14.25 5.50
N THR B 149 21.98 -14.25 6.83
CA THR B 149 22.77 -15.12 7.66
C THR B 149 22.45 -16.62 7.44
N ASP B 150 21.18 -16.99 7.50
CA ASP B 150 20.73 -18.31 7.11
C ASP B 150 21.19 -18.65 5.68
N GLY B 151 21.00 -17.73 4.76
CA GLY B 151 21.39 -17.93 3.41
C GLY B 151 22.89 -18.11 3.29
N ALA B 152 23.66 -17.39 4.10
CA ALA B 152 25.11 -17.56 4.05
C ALA B 152 25.56 -18.96 4.45
N VAL B 153 25.05 -19.43 5.58
CA VAL B 153 25.37 -20.79 6.06
C VAL B 153 24.98 -21.80 5.03
N LYS B 154 23.82 -21.61 4.47
CA LYS B 154 23.35 -22.46 3.47
C LYS B 154 24.33 -22.57 2.30
N THR B 155 24.85 -21.45 1.89
CA THR B 155 25.62 -21.38 0.69
C THR B 155 26.99 -21.92 0.94
N LEU B 156 27.54 -21.55 2.08
CA LEU B 156 28.83 -22.03 2.37
C LEU B 156 28.85 -23.56 2.55
N THR B 157 27.79 -24.11 3.15
CA THR B 157 27.69 -25.55 3.37
C THR B 157 27.38 -26.32 2.11
N SER B 158 26.50 -25.82 1.25
CA SER B 158 26.24 -26.45 -0.06
C SER B 158 27.47 -26.47 -0.94
N LEU B 159 28.32 -25.47 -0.86
CA LEU B 159 29.59 -25.53 -1.59
C LEU B 159 30.64 -26.46 -0.98
N ASN B 160 30.29 -27.14 0.10
CA ASN B 160 31.18 -28.05 0.80
C ASN B 160 32.45 -27.41 1.34
N LEU B 161 32.33 -26.21 1.89
CA LEU B 161 33.52 -25.54 2.38
C LEU B 161 33.77 -25.73 3.87
N TYR B 162 32.77 -26.22 4.59
CA TYR B 162 32.80 -26.30 6.04
C TYR B 162 33.65 -27.46 6.47
N GLY B 163 34.81 -27.14 7.02
CA GLY B 163 35.78 -28.11 7.43
C GLY B 163 37.01 -27.92 6.60
N LYS B 164 36.86 -27.33 5.44
CA LYS B 164 37.95 -27.37 4.49
C LYS B 164 38.58 -26.01 4.25
N HIS B 165 37.78 -24.95 4.26
CA HIS B 165 38.24 -23.60 3.91
C HIS B 165 38.15 -22.75 5.15
N LYS B 166 39.18 -21.95 5.36
CA LYS B 166 39.47 -21.43 6.69
C LYS B 166 38.37 -20.49 7.13
N LEU B 167 38.21 -19.42 6.38
CA LEU B 167 37.27 -18.38 6.73
C LEU B 167 35.83 -18.86 6.66
N ALA B 168 35.52 -19.76 5.75
CA ALA B 168 34.15 -20.23 5.63
C ALA B 168 33.76 -21.13 6.80
N THR B 169 34.73 -21.89 7.29
CA THR B 169 34.51 -22.79 8.41
C THR B 169 34.24 -21.94 9.65
N GLU B 170 35.08 -20.97 9.91
CA GLU B 170 34.83 -20.04 10.96
C GLU B 170 33.48 -19.32 10.86
N ALA B 171 33.09 -18.98 9.65
CA ALA B 171 31.90 -18.20 9.43
C ALA B 171 30.71 -19.04 9.77
N VAL B 172 30.72 -20.23 9.20
CA VAL B 172 29.64 -21.13 9.47
C VAL B 172 29.43 -21.34 10.96
N ASP B 173 30.52 -21.54 11.69
CA ASP B 173 30.41 -21.86 13.09
C ASP B 173 29.80 -20.66 13.83
N ARG B 174 30.19 -19.47 13.42
CA ARG B 174 29.81 -18.27 14.12
C ARG B 174 28.44 -17.79 13.77
N LEU B 175 28.08 -17.95 12.51
CA LEU B 175 26.77 -17.62 12.05
C LEU B 175 25.69 -18.48 12.69
N ARG B 176 26.03 -19.73 12.98
CA ARG B 176 25.15 -20.68 13.64
C ARG B 176 25.18 -20.59 15.17
N SER B 177 26.04 -19.78 15.76
CA SER B 177 26.26 -19.89 17.18
C SER B 177 25.08 -19.33 18.01
N ARG B 178 24.78 -19.97 19.11
CA ARG B 178 23.78 -19.52 20.09
C ARG B 178 24.38 -18.68 21.21
N ASP B 179 25.69 -18.48 21.17
CA ASP B 179 26.40 -17.58 22.08
C ASP B 179 26.31 -16.12 21.59
N PRO B 180 25.56 -15.31 22.32
CA PRO B 180 25.38 -13.95 21.85
C PRO B 180 26.70 -13.19 21.74
N SER B 181 27.71 -13.54 22.53
CA SER B 181 28.97 -12.84 22.42
C SER B 181 29.89 -13.40 21.31
N LYS B 182 29.51 -14.45 20.60
CA LYS B 182 30.32 -14.97 19.49
C LYS B 182 29.61 -14.89 18.15
N ALA B 183 28.29 -14.89 18.20
CA ALA B 183 27.50 -15.00 17.01
C ALA B 183 27.82 -13.95 15.95
N TRP B 184 27.85 -14.39 14.69
CA TRP B 184 27.99 -13.51 13.57
C TRP B 184 26.72 -13.41 12.75
N THR B 185 26.62 -12.35 11.98
CA THR B 185 25.71 -12.25 10.86
C THR B 185 26.43 -11.92 9.58
N SER B 186 25.70 -12.02 8.49
CA SER B 186 26.27 -11.87 7.14
C SER B 186 25.45 -10.92 6.30
N GLY B 187 26.11 -10.15 5.46
CA GLY B 187 25.39 -9.49 4.38
C GLY B 187 25.58 -10.24 3.04
N GLN B 188 25.10 -9.61 1.98
CA GLN B 188 24.95 -10.21 0.70
C GLN B 188 24.92 -9.02 -0.25
N TRP B 189 26.01 -8.78 -0.99
CA TRP B 189 26.11 -7.58 -1.84
C TRP B 189 26.15 -7.89 -3.34
N MET B 190 24.95 -7.94 -3.91
CA MET B 190 24.78 -8.30 -5.29
CA MET B 190 24.70 -8.33 -5.31
C MET B 190 24.38 -7.09 -6.12
N THR B 191 23.36 -6.35 -5.65
CA THR B 191 22.81 -5.23 -6.40
C THR B 191 23.81 -4.07 -6.63
N GLU B 192 23.90 -3.64 -7.88
CA GLU B 192 24.70 -2.49 -8.30
C GLU B 192 23.82 -1.50 -9.11
N LYS B 193 24.41 -0.38 -9.45
CA LYS B 193 23.66 0.72 -10.04
C LYS B 193 22.97 0.34 -11.38
N LYS B 194 23.73 -0.37 -12.25
CA LYS B 194 23.23 -0.73 -13.61
C LYS B 194 22.16 -1.80 -13.59
N GLY B 195 22.16 -2.61 -12.55
CA GLY B 195 21.06 -3.54 -12.37
C GLY B 195 21.10 -4.28 -11.05
N GLY B 196 19.92 -4.56 -10.53
CA GLY B 196 19.78 -5.43 -9.38
C GLY B 196 19.18 -6.74 -9.79
N SER B 197 17.99 -6.67 -10.36
CA SER B 197 17.37 -7.81 -10.98
C SER B 197 18.43 -8.52 -11.89
N ASP B 198 19.08 -7.75 -12.73
CA ASP B 198 20.00 -8.27 -13.74
C ASP B 198 21.44 -8.21 -13.21
N VAL B 199 21.92 -9.26 -12.55
CA VAL B 199 23.30 -9.27 -12.02
C VAL B 199 24.38 -9.47 -13.10
N ALA B 200 24.12 -10.34 -14.07
CA ALA B 200 25.07 -10.54 -15.21
C ALA B 200 25.34 -9.27 -16.06
N GLY B 201 24.31 -8.46 -16.31
CA GLY B 201 24.48 -7.16 -17.00
C GLY B 201 24.84 -5.96 -16.10
N GLY B 202 24.33 -5.98 -14.86
CA GLY B 202 24.55 -4.89 -13.84
C GLY B 202 25.90 -4.84 -13.10
N CYS B 203 26.49 -5.98 -12.78
CA CYS B 203 27.63 -6.01 -11.86
C CYS B 203 28.96 -5.54 -12.52
N ASP B 204 29.52 -4.48 -11.96
CA ASP B 204 30.76 -3.94 -12.44
C ASP B 204 31.82 -3.89 -11.31
N THR B 205 31.88 -4.97 -10.53
CA THR B 205 32.91 -5.11 -9.52
C THR B 205 33.99 -6.06 -10.03
N TYR B 206 35.23 -5.74 -9.70
CA TYR B 206 36.37 -6.41 -10.28
C TYR B 206 37.28 -6.98 -9.17
N ALA B 207 37.81 -8.18 -9.44
CA ALA B 207 38.62 -8.87 -8.46
C ALA B 207 39.99 -9.07 -9.05
N VAL B 208 40.98 -8.49 -8.39
CA VAL B 208 42.37 -8.68 -8.78
C VAL B 208 43.09 -9.56 -7.78
N GLN B 209 43.81 -10.53 -8.32
CA GLN B 209 44.43 -11.55 -7.53
C GLN B 209 45.55 -10.99 -6.72
N ILE B 210 45.50 -11.24 -5.43
CA ILE B 210 46.64 -10.94 -4.59
C ILE B 210 47.54 -12.16 -4.57
N ASP B 211 46.93 -13.27 -4.21
CA ASP B 211 47.65 -14.49 -3.95
C ASP B 211 46.63 -15.61 -3.81
N LYS B 212 46.75 -16.55 -4.72
CA LYS B 212 46.00 -17.81 -4.72
C LYS B 212 44.51 -17.57 -4.88
N ASP B 213 43.77 -17.67 -3.79
CA ASP B 213 42.34 -17.56 -3.86
C ASP B 213 41.94 -16.29 -3.10
N THR B 214 42.92 -15.41 -2.89
CA THR B 214 42.70 -14.12 -2.25
C THR B 214 42.84 -13.04 -3.29
N TYR B 215 41.84 -12.17 -3.30
CA TYR B 215 41.72 -11.14 -4.29
C TYR B 215 41.44 -9.79 -3.63
N ARG B 216 41.70 -8.72 -4.37
CA ARG B 216 41.28 -7.33 -4.08
C ARG B 216 39.97 -7.03 -4.79
N LEU B 217 38.96 -6.50 -4.15
CA LEU B 217 37.82 -6.12 -4.90
C LEU B 217 37.74 -4.58 -5.11
N HIS B 218 37.22 -4.19 -6.27
CA HIS B 218 37.06 -2.79 -6.61
C HIS B 218 35.73 -2.64 -7.33
N GLY B 219 34.81 -1.90 -6.76
CA GLY B 219 33.51 -1.77 -7.39
C GLY B 219 32.60 -0.96 -6.48
N TYR B 220 31.33 -0.85 -6.85
CA TYR B 220 30.41 -0.04 -6.12
C TYR B 220 29.13 -0.84 -5.87
N LYS B 221 28.84 -1.09 -4.59
CA LYS B 221 27.63 -1.79 -4.22
C LYS B 221 26.53 -0.80 -3.82
N TRP B 222 25.42 -0.90 -4.51
CA TRP B 222 24.43 0.17 -4.61
C TRP B 222 23.43 -0.01 -3.49
N PHE B 223 23.09 -1.26 -3.12
CA PHE B 223 22.40 -1.50 -1.83
C PHE B 223 23.14 -2.57 -1.02
N SER B 224 23.45 -2.26 0.24
CA SER B 224 24.12 -3.19 1.11
C SER B 224 23.57 -3.02 2.48
N SER B 225 22.67 -3.93 2.80
CA SER B 225 21.98 -3.88 4.04
C SER B 225 22.74 -4.55 5.13
N ALA B 226 22.41 -4.15 6.36
CA ALA B 226 23.05 -4.69 7.55
C ALA B 226 24.57 -4.66 7.46
N VAL B 227 25.12 -3.48 7.25
CA VAL B 227 26.58 -3.29 7.25
C VAL B 227 27.27 -3.37 8.61
N ASP B 228 26.47 -3.51 9.68
CA ASP B 228 26.97 -3.92 11.00
C ASP B 228 27.29 -5.43 11.10
N ALA B 229 27.02 -6.19 10.06
CA ALA B 229 27.37 -7.58 9.97
C ALA B 229 28.87 -7.81 9.97
N ASP B 230 29.26 -9.07 10.16
CA ASP B 230 30.62 -9.43 10.39
C ASP B 230 31.29 -9.95 9.14
N VAL B 231 30.50 -10.52 8.23
CA VAL B 231 31.06 -11.03 6.94
C VAL B 231 30.11 -10.79 5.81
N ALA B 232 30.59 -10.93 4.59
CA ALA B 232 29.62 -10.80 3.50
C ALA B 232 29.90 -11.61 2.28
N LEU B 233 28.85 -11.94 1.55
CA LEU B 233 29.01 -12.58 0.26
C LEU B 233 28.70 -11.58 -0.83
N THR B 234 29.49 -11.62 -1.91
CA THR B 234 29.36 -10.72 -3.04
C THR B 234 29.90 -11.37 -4.33
N LEU B 235 29.55 -10.81 -5.48
CA LEU B 235 30.04 -11.31 -6.73
C LEU B 235 30.95 -10.30 -7.32
N ALA B 236 31.91 -10.77 -8.11
CA ALA B 236 32.81 -9.87 -8.79
C ALA B 236 33.46 -10.54 -10.00
N ARG B 237 34.02 -9.72 -10.89
CA ARG B 237 34.68 -10.20 -12.14
C ARG B 237 36.19 -10.33 -12.08
N ILE B 238 36.68 -11.55 -11.95
CA ILE B 238 38.13 -11.75 -11.85
C ILE B 238 38.81 -11.19 -13.08
N VAL B 239 39.95 -10.54 -12.85
CA VAL B 239 40.73 -9.89 -13.89
C VAL B 239 41.85 -10.83 -14.17
N ASP B 240 41.93 -11.31 -15.40
CA ASP B 240 42.99 -12.22 -15.84
C ASP B 240 44.34 -11.48 -15.97
N SER B 241 45.40 -12.19 -16.35
CA SER B 241 46.71 -11.56 -16.35
C SER B 241 46.96 -10.57 -17.51
N ASP B 242 46.02 -10.44 -18.44
CA ASP B 242 46.16 -9.37 -19.42
C ASP B 242 45.30 -8.15 -19.08
N GLY B 243 44.80 -8.08 -17.85
CA GLY B 243 44.01 -6.93 -17.41
C GLY B 243 42.56 -6.92 -17.88
N ASN B 244 42.01 -8.08 -18.23
CA ASN B 244 40.66 -8.17 -18.83
C ASN B 244 39.72 -9.11 -18.06
N ALA B 245 38.41 -8.96 -18.36
CA ALA B 245 37.30 -9.69 -17.72
C ALA B 245 36.19 -10.11 -18.71
N LEU B 246 35.36 -11.08 -18.31
CA LEU B 246 34.23 -11.59 -19.12
C LEU B 246 33.00 -10.86 -18.71
N GLU B 247 32.21 -10.46 -19.67
CA GLU B 247 30.87 -9.95 -19.44
C GLU B 247 29.93 -11.10 -19.17
N GLY B 248 28.72 -10.78 -18.73
CA GLY B 248 27.67 -11.76 -18.53
C GLY B 248 27.86 -12.62 -17.30
N SER B 249 26.94 -13.56 -17.06
CA SER B 249 27.01 -14.43 -15.90
C SER B 249 28.31 -15.22 -15.82
N ARG B 250 28.90 -15.51 -16.97
CA ARG B 250 30.11 -16.32 -17.03
C ARG B 250 31.37 -15.58 -16.48
N GLY B 251 31.29 -14.25 -16.44
CA GLY B 251 32.34 -13.46 -15.77
C GLY B 251 32.31 -13.46 -14.22
N LEU B 252 31.17 -13.81 -13.65
CA LEU B 252 30.97 -13.60 -12.20
C LEU B 252 31.51 -14.74 -11.34
N SER B 253 32.46 -14.40 -10.46
CA SER B 253 32.88 -15.29 -9.41
C SER B 253 32.31 -14.83 -8.05
N LEU B 254 32.33 -15.76 -7.09
CA LEU B 254 31.78 -15.52 -5.74
C LEU B 254 32.86 -15.46 -4.68
N PHE B 255 32.70 -14.49 -3.78
CA PHE B 255 33.70 -14.16 -2.79
C PHE B 255 33.09 -14.01 -1.43
N LEU B 256 33.87 -14.39 -0.42
CA LEU B 256 33.55 -14.15 0.99
C LEU B 256 34.58 -13.23 1.62
N LEU B 257 34.09 -12.22 2.35
CA LEU B 257 35.02 -11.35 3.06
C LEU B 257 34.53 -10.98 4.44
N LYS B 258 35.48 -10.59 5.29
CA LYS B 258 35.19 -10.00 6.57
C LYS B 258 34.99 -8.53 6.34
N ILE B 259 33.90 -8.01 6.89
CA ILE B 259 33.60 -6.60 6.73
C ILE B 259 34.63 -5.67 7.40
N ARG B 260 35.18 -6.12 8.53
CA ARG B 260 36.09 -5.30 9.30
C ARG B 260 37.28 -6.14 9.62
N ASP B 261 38.49 -5.60 9.56
CA ASP B 261 39.67 -6.33 10.09
C ASP B 261 39.61 -6.47 11.64
N GLU B 262 40.65 -7.07 12.24
CA GLU B 262 40.74 -7.27 13.71
C GLU B 262 40.88 -5.96 14.48
N SER B 263 41.41 -4.91 13.83
CA SER B 263 41.37 -3.55 14.42
C SER B 263 40.00 -2.84 14.40
N GLY B 264 38.94 -3.45 13.85
CA GLY B 264 37.60 -2.81 13.83
C GLY B 264 37.44 -1.91 12.60
N ASN B 265 38.45 -1.91 11.75
CA ASN B 265 38.51 -1.01 10.60
C ASN B 265 37.96 -1.68 9.38
N LEU B 266 37.29 -0.87 8.58
CA LEU B 266 36.73 -1.35 7.31
C LEU B 266 37.81 -1.87 6.41
N ASN B 267 37.50 -3.01 5.85
CA ASN B 267 38.42 -3.77 5.01
C ASN B 267 38.24 -3.28 3.58
N GLY B 268 39.05 -2.31 3.16
CA GLY B 268 38.93 -1.69 1.83
C GLY B 268 37.55 -1.13 1.43
N ILE B 269 36.74 -0.71 2.40
CA ILE B 269 35.36 -0.29 2.12
C ILE B 269 35.15 1.08 2.69
N GLN B 270 34.48 1.94 1.93
CA GLN B 270 33.96 3.19 2.43
C GLN B 270 32.44 3.17 2.26
N MET B 271 31.76 3.61 3.31
CA MET B 271 30.32 3.75 3.22
C MET B 271 29.97 5.13 2.61
N VAL B 272 29.46 5.14 1.38
CA VAL B 272 29.18 6.41 0.73
C VAL B 272 27.99 7.11 1.40
N ARG B 273 26.93 6.39 1.71
CA ARG B 273 25.79 7.00 2.39
C ARG B 273 24.90 5.90 2.87
N LEU B 274 24.02 6.24 3.80
CA LEU B 274 22.92 5.37 4.15
C LEU B 274 21.75 5.75 3.28
N LYS B 275 20.97 4.78 2.85
CA LYS B 275 19.70 5.06 2.13
C LYS B 275 18.68 5.70 3.05
N ASN B 276 17.79 6.47 2.45
CA ASN B 276 16.64 7.06 3.16
C ASN B 276 15.39 6.39 2.66
N LYS B 277 14.86 5.48 3.44
CA LYS B 277 13.97 4.45 2.90
C LYS B 277 12.54 4.66 3.38
N LEU B 278 11.59 4.27 2.54
CA LEU B 278 10.16 4.32 2.96
C LEU B 278 9.95 3.52 4.22
N GLY B 279 10.47 2.30 4.21
CA GLY B 279 10.45 1.48 5.42
C GLY B 279 11.75 0.74 5.63
N THR B 280 11.79 -0.20 6.56
CA THR B 280 13.07 -0.82 7.01
C THR B 280 14.06 0.20 7.52
N LYS B 281 13.50 1.24 8.07
CA LYS B 281 14.29 2.33 8.52
C LYS B 281 15.21 1.90 9.68
N GLN B 282 14.83 0.83 10.38
CA GLN B 282 15.59 0.29 11.53
C GLN B 282 16.89 -0.25 11.06
N LEU B 283 16.87 -0.61 9.77
CA LEU B 283 17.92 -1.34 9.22
C LEU B 283 18.91 -0.42 8.50
N PRO B 284 20.15 -0.58 8.82
CA PRO B 284 21.12 0.20 8.09
C PRO B 284 21.44 -0.37 6.72
N THR B 285 21.02 0.39 5.72
CA THR B 285 21.35 0.05 4.37
C THR B 285 22.27 1.09 3.74
N ALA B 286 23.47 0.68 3.33
CA ALA B 286 24.42 1.60 2.78
C ALA B 286 24.70 1.41 1.28
N GLU B 287 25.31 2.44 0.68
CA GLU B 287 26.01 2.30 -0.58
C GLU B 287 27.49 2.10 -0.25
N LEU B 288 28.12 1.11 -0.87
CA LEU B 288 29.53 0.82 -0.54
C LEU B 288 30.40 1.03 -1.72
N LEU B 289 31.52 1.67 -1.49
CA LEU B 289 32.57 1.77 -2.47
C LEU B 289 33.68 0.84 -2.01
N LEU B 290 34.03 -0.14 -2.87
CA LEU B 290 35.06 -1.11 -2.60
C LEU B 290 36.27 -0.70 -3.32
N ASP B 291 37.38 -0.71 -2.62
CA ASP B 291 38.61 -0.28 -3.16
C ASP B 291 39.78 -0.93 -2.44
N GLY B 292 40.12 -2.12 -2.92
CA GLY B 292 41.06 -2.99 -2.29
C GLY B 292 40.45 -3.96 -1.28
N ALA B 293 39.13 -4.14 -1.24
CA ALA B 293 38.56 -4.99 -0.17
C ALA B 293 39.12 -6.42 -0.31
N ILE B 294 39.66 -6.98 0.75
CA ILE B 294 40.29 -8.29 0.66
C ILE B 294 39.22 -9.33 0.83
N ALA B 295 39.13 -10.24 -0.14
CA ALA B 295 38.08 -11.27 -0.18
C ALA B 295 38.61 -12.63 -0.68
N GLU B 296 37.94 -13.71 -0.30
CA GLU B 296 38.37 -15.05 -0.65
C GLU B 296 37.37 -15.63 -1.63
N ARG B 297 37.89 -16.11 -2.77
CA ARG B 297 37.07 -16.78 -3.76
C ARG B 297 36.63 -18.12 -3.24
N ILE B 298 35.35 -18.41 -3.42
CA ILE B 298 34.76 -19.64 -2.99
C ILE B 298 33.86 -20.10 -4.12
N GLY B 299 33.72 -21.40 -4.29
CA GLY B 299 33.11 -21.92 -5.50
C GLY B 299 34.03 -21.68 -6.68
N ASP B 300 33.59 -22.14 -7.85
CA ASP B 300 34.46 -22.16 -9.02
C ASP B 300 34.43 -20.82 -9.75
N GLN B 301 35.53 -20.49 -10.42
CA GLN B 301 35.64 -19.21 -11.11
C GLN B 301 34.60 -19.20 -12.20
N GLY B 302 33.87 -18.09 -12.34
CA GLY B 302 32.79 -17.96 -13.31
C GLY B 302 31.52 -18.66 -12.89
N ARG B 303 31.57 -19.38 -11.75
CA ARG B 303 30.40 -20.11 -11.22
C ARG B 303 29.71 -19.38 -10.04
N GLY B 304 29.56 -18.06 -10.18
CA GLY B 304 29.17 -17.19 -9.07
C GLY B 304 27.68 -17.23 -8.82
N VAL B 305 26.93 -17.09 -9.91
CA VAL B 305 25.48 -17.13 -9.85
C VAL B 305 24.99 -18.52 -9.42
N ALA B 306 25.64 -19.56 -9.90
CA ALA B 306 25.37 -20.89 -9.43
C ALA B 306 25.67 -20.98 -7.95
N GLY B 307 26.84 -20.56 -7.53
CA GLY B 307 27.15 -20.52 -6.10
C GLY B 307 25.98 -19.97 -5.26
N ILE B 308 25.55 -18.74 -5.53
CA ILE B 308 24.54 -18.13 -4.70
C ILE B 308 23.14 -18.65 -4.92
N SER B 309 22.87 -19.26 -6.06
CA SER B 309 21.54 -19.84 -6.22
C SER B 309 21.26 -20.74 -5.02
N ASN B 310 22.29 -21.48 -4.57
CA ASN B 310 22.16 -22.47 -3.46
C ASN B 310 21.36 -21.94 -2.31
N MET B 311 21.24 -20.62 -2.21
CA MET B 311 20.55 -19.96 -1.10
C MET B 311 19.16 -19.39 -1.42
N LEU B 312 18.78 -19.45 -2.70
CA LEU B 312 17.53 -18.85 -3.12
C LEU B 312 16.41 -19.33 -2.27
N ASN B 313 16.21 -20.63 -2.28
CA ASN B 313 15.11 -21.18 -1.55
C ASN B 313 14.97 -20.47 -0.18
N ILE B 314 16.13 -20.28 0.49
CA ILE B 314 16.24 -19.75 1.84
C ILE B 314 15.72 -18.37 2.02
N THR B 315 16.36 -17.45 1.34
CA THR B 315 16.10 -16.06 1.43
C THR B 315 14.65 -15.73 1.13
N ARG B 316 14.16 -16.44 0.12
CA ARG B 316 12.84 -16.24 -0.39
C ARG B 316 11.82 -16.74 0.59
N ILE B 317 12.16 -17.82 1.24
CA ILE B 317 11.28 -18.31 2.23
C ILE B 317 11.19 -17.32 3.41
N HIS B 318 12.34 -16.84 3.81
CA HIS B 318 12.36 -15.85 4.86
C HIS B 318 11.56 -14.66 4.41
N ASN B 319 11.62 -14.32 3.13
CA ASN B 319 10.93 -13.12 2.71
C ASN B 319 9.39 -13.34 2.82
N ALA B 320 8.98 -14.51 2.43
CA ALA B 320 7.63 -14.84 2.53
C ALA B 320 7.15 -14.82 3.98
N VAL B 321 8.04 -15.21 4.88
CA VAL B 321 7.70 -15.28 6.27
C VAL B 321 7.37 -13.86 6.71
N ALA B 322 8.18 -12.93 6.25
CA ALA B 322 8.01 -11.54 6.62
C ALA B 322 6.67 -11.02 6.11
N SER B 323 6.39 -11.22 4.84
CA SER B 323 5.13 -10.84 4.26
C SER B 323 3.95 -11.35 5.07
N LEU B 324 3.97 -12.65 5.38
CA LEU B 324 2.95 -13.31 6.14
C LEU B 324 2.87 -12.84 7.56
N GLY B 325 4.02 -12.59 8.14
CA GLY B 325 4.06 -11.98 9.46
C GLY B 325 3.29 -10.66 9.54
N TYR B 326 3.45 -9.81 8.52
CA TYR B 326 2.83 -8.50 8.58
C TYR B 326 1.33 -8.66 8.47
N MET B 327 0.94 -9.59 7.62
CA MET B 327 -0.46 -9.89 7.34
C MET B 327 -1.15 -10.44 8.61
N ARG B 328 -0.52 -11.40 9.24
CA ARG B 328 -1.11 -12.01 10.37
C ARG B 328 -1.20 -10.98 11.51
N ARG B 329 -0.15 -10.18 11.63
CA ARG B 329 -0.07 -9.20 12.69
C ARG B 329 -1.16 -8.14 12.58
N ILE B 330 -1.42 -7.66 11.40
CA ILE B 330 -2.42 -6.61 11.29
C ILE B 330 -3.80 -7.17 11.54
N ILE B 331 -4.00 -8.42 11.18
CA ILE B 331 -5.29 -9.02 11.40
C ILE B 331 -5.49 -9.21 12.87
N SER B 332 -4.43 -9.60 13.52
CA SER B 332 -4.47 -9.94 14.88
C SER B 332 -4.75 -8.71 15.72
N LEU B 333 -4.06 -7.62 15.40
CA LEU B 333 -4.25 -6.36 16.06
C LEU B 333 -5.67 -5.78 15.70
N ALA B 334 -6.01 -5.82 14.40
CA ALA B 334 -7.32 -5.40 14.00
C ALA B 334 -8.48 -6.06 14.71
N ARG B 335 -8.47 -7.38 14.73
CA ARG B 335 -9.59 -8.07 15.32
C ARG B 335 -9.64 -7.78 16.82
N ASP B 336 -8.49 -7.64 17.45
CA ASP B 336 -8.53 -7.31 18.87
C ASP B 336 -9.17 -5.93 19.05
N TYR B 337 -8.70 -4.98 18.23
CA TYR B 337 -9.21 -3.64 18.27
C TYR B 337 -10.74 -3.67 18.05
N SER B 338 -11.17 -4.58 17.19
CA SER B 338 -12.58 -4.70 16.90
C SER B 338 -13.45 -5.01 18.10
N THR B 339 -12.87 -5.54 19.18
CA THR B 339 -13.67 -5.85 20.37
C THR B 339 -13.74 -4.65 21.32
N LYS B 340 -13.02 -3.59 21.01
CA LYS B 340 -12.88 -2.43 21.87
C LYS B 340 -13.40 -1.12 21.30
N ARG B 341 -13.48 -0.99 19.97
CA ARG B 341 -13.87 0.24 19.33
C ARG B 341 -15.35 0.18 19.05
N VAL B 342 -16.08 1.13 19.64
CA VAL B 342 -17.53 1.25 19.52
C VAL B 342 -17.85 2.15 18.33
N VAL B 343 -18.68 1.67 17.41
CA VAL B 343 -19.16 2.48 16.32
C VAL B 343 -20.62 2.19 16.17
N PHE B 344 -21.37 3.30 16.07
CA PHE B 344 -22.85 3.29 15.98
C PHE B 344 -23.45 2.40 17.02
N GLY B 345 -22.91 2.46 18.22
CA GLY B 345 -23.54 1.86 19.37
C GLY B 345 -23.08 0.46 19.70
N GLN B 346 -22.23 -0.12 18.85
CA GLN B 346 -21.56 -1.40 19.22
C GLN B 346 -20.17 -1.55 18.67
N THR B 347 -19.47 -2.52 19.26
CA THR B 347 -18.08 -2.83 18.90
C THR B 347 -18.05 -3.19 17.41
N GLN B 348 -17.03 -2.73 16.77
CA GLN B 348 -16.80 -3.11 15.35
C GLN B 348 -17.04 -4.57 15.11
N SER B 349 -16.65 -5.38 16.08
CA SER B 349 -16.73 -6.84 15.98
C SER B 349 -18.13 -7.34 15.72
N LYS B 350 -19.15 -6.51 16.02
CA LYS B 350 -20.56 -6.88 15.83
C LYS B 350 -21.14 -6.58 14.44
N TRP B 351 -20.50 -5.66 13.71
CA TRP B 351 -20.97 -5.26 12.39
C TRP B 351 -20.59 -6.26 11.33
N PRO B 352 -21.56 -6.87 10.71
CA PRO B 352 -21.35 -7.78 9.61
C PRO B 352 -20.38 -7.34 8.52
N LEU B 353 -20.50 -6.10 8.10
CA LEU B 353 -19.63 -5.60 7.08
C LEU B 353 -18.16 -5.65 7.53
N HIS B 354 -17.95 -5.42 8.81
CA HIS B 354 -16.60 -5.39 9.34
C HIS B 354 -16.02 -6.79 9.37
N THR B 355 -16.86 -7.73 9.78
CA THR B 355 -16.39 -9.11 9.84
C THR B 355 -16.19 -9.72 8.43
N THR B 356 -16.93 -9.22 7.46
CA THR B 356 -16.82 -9.72 6.11
C THR B 356 -15.48 -9.38 5.60
N THR B 357 -15.07 -8.17 5.88
CA THR B 357 -13.88 -7.62 5.34
C THR B 357 -12.70 -8.37 5.91
N LEU B 358 -12.74 -8.59 7.23
CA LEU B 358 -11.67 -9.31 7.90
C LEU B 358 -11.65 -10.79 7.56
N ALA B 359 -12.82 -11.40 7.42
CA ALA B 359 -12.81 -12.78 7.08
C ALA B 359 -12.12 -12.99 5.74
N LYS B 360 -12.17 -12.04 4.83
CA LYS B 360 -11.63 -12.33 3.55
C LYS B 360 -10.10 -12.21 3.64
N MET B 361 -9.64 -11.29 4.48
CA MET B 361 -8.22 -11.21 4.72
C MET B 361 -7.70 -12.48 5.41
N GLU B 362 -8.54 -13.11 6.23
CA GLU B 362 -8.14 -14.34 6.93
C GLU B 362 -7.95 -15.52 6.03
N VAL B 363 -8.90 -15.66 5.16
CA VAL B 363 -8.94 -16.66 4.18
C VAL B 363 -7.69 -16.65 3.35
N ASP B 364 -7.33 -15.51 2.85
CA ASP B 364 -6.21 -15.37 1.96
C ASP B 364 -4.89 -15.61 2.68
N THR B 365 -4.84 -15.24 3.94
CA THR B 365 -3.66 -15.42 4.72
C THR B 365 -3.45 -16.86 5.05
N ARG B 366 -4.52 -17.57 5.35
CA ARG B 366 -4.37 -18.97 5.63
C ARG B 366 -3.81 -19.77 4.49
N GLY B 367 -4.25 -19.43 3.29
CA GLY B 367 -3.82 -20.13 2.12
C GLY B 367 -2.33 -20.06 2.02
N SER B 368 -1.81 -18.86 2.12
CA SER B 368 -0.40 -18.60 1.92
C SER B 368 0.44 -19.11 3.07
N MET B 369 -0.19 -19.10 4.20
CA MET B 369 0.40 -19.64 5.36
C MET B 369 0.78 -21.12 5.19
N LEU B 370 -0.15 -21.87 4.64
CA LEU B 370 0.07 -23.29 4.46
C LEU B 370 1.03 -23.52 3.29
N LEU B 371 0.98 -22.64 2.29
CA LEU B 371 1.95 -22.69 1.20
C LEU B 371 3.32 -22.49 1.79
N LEU B 372 3.42 -21.63 2.78
CA LEU B 372 4.69 -21.38 3.42
C LEU B 372 5.24 -22.60 4.18
N PHE B 373 4.38 -23.34 4.85
CA PHE B 373 4.79 -24.51 5.57
C PHE B 373 5.04 -25.73 4.74
N GLU B 374 4.34 -25.83 3.61
CA GLU B 374 4.72 -26.74 2.53
C GLU B 374 6.17 -26.47 2.09
N ALA B 375 6.51 -25.22 1.90
CA ALA B 375 7.83 -24.91 1.45
C ALA B 375 8.84 -25.34 2.50
N ALA B 376 8.48 -25.13 3.76
CA ALA B 376 9.40 -25.44 4.82
C ALA B 376 9.57 -26.96 4.96
N ARG B 377 8.46 -27.68 4.95
CA ARG B 377 8.48 -29.15 4.81
C ARG B 377 9.39 -29.63 3.68
N LEU B 378 9.19 -29.06 2.48
CA LEU B 378 9.94 -29.51 1.33
C LEU B 378 11.41 -29.19 1.41
N LEU B 379 11.76 -28.07 1.99
CA LEU B 379 13.15 -27.69 2.06
C LEU B 379 13.86 -28.66 2.99
N GLY B 380 13.12 -29.04 4.02
CA GLY B 380 13.62 -29.94 5.03
C GLY B 380 13.83 -31.36 4.57
N LEU B 381 12.93 -31.85 3.71
CA LEU B 381 13.09 -33.14 3.11
C LEU B 381 14.30 -33.13 2.23
N SER B 382 14.43 -32.06 1.45
CA SER B 382 15.57 -31.92 0.56
C SER B 382 16.89 -31.93 1.34
N GLU B 383 16.92 -31.25 2.47
CA GLU B 383 18.14 -31.22 3.27
C GLU B 383 18.44 -32.53 3.99
N ALA B 384 17.41 -33.34 4.23
CA ALA B 384 17.59 -34.71 4.73
C ALA B 384 17.97 -35.76 3.68
N GLY B 385 17.97 -35.42 2.39
CA GLY B 385 18.26 -36.42 1.33
C GLY B 385 17.08 -37.36 1.15
N LYS B 386 15.89 -36.94 1.56
CA LYS B 386 14.70 -37.80 1.59
C LYS B 386 13.61 -37.31 0.63
N SER B 387 13.93 -36.39 -0.27
CA SER B 387 12.94 -35.92 -1.24
C SER B 387 12.59 -36.99 -2.29
N SER B 388 11.28 -37.26 -2.47
CA SER B 388 10.78 -37.89 -3.71
C SER B 388 11.15 -36.97 -4.87
N ASP B 389 11.30 -37.48 -6.08
CA ASP B 389 11.59 -36.67 -7.26
C ASP B 389 10.61 -35.53 -7.29
N VAL B 390 9.35 -35.85 -7.02
CA VAL B 390 8.29 -34.84 -7.02
C VAL B 390 8.50 -33.78 -5.96
N GLU B 391 8.88 -34.21 -4.77
CA GLU B 391 9.17 -33.23 -3.74
C GLU B 391 10.36 -32.35 -4.12
N ALA B 392 11.33 -32.88 -4.86
CA ALA B 392 12.52 -32.06 -5.20
C ALA B 392 12.06 -31.00 -6.15
N MET B 393 11.27 -31.40 -7.13
CA MET B 393 10.80 -30.45 -8.13
C MET B 393 9.87 -29.37 -7.51
N MET B 394 8.95 -29.81 -6.66
CA MET B 394 8.12 -28.88 -5.84
C MET B 394 8.89 -27.87 -5.00
N LEU B 395 10.04 -28.24 -4.49
CA LEU B 395 10.82 -27.28 -3.76
C LEU B 395 11.27 -26.14 -4.67
N ARG B 396 11.69 -26.50 -5.87
CA ARG B 396 12.17 -25.52 -6.83
C ARG B 396 11.06 -24.63 -7.36
N LEU B 397 9.89 -25.19 -7.53
CA LEU B 397 8.75 -24.41 -7.98
C LEU B 397 8.21 -23.50 -6.88
N ILE B 398 8.04 -24.05 -5.67
CA ILE B 398 7.26 -23.39 -4.66
C ILE B 398 7.94 -22.12 -4.14
N THR B 399 9.26 -22.07 -4.15
CA THR B 399 9.88 -20.99 -3.48
C THR B 399 9.67 -19.67 -4.20
N PRO B 400 9.94 -19.60 -5.50
CA PRO B 400 9.64 -18.30 -6.09
C PRO B 400 8.15 -17.96 -6.07
N VAL B 401 7.31 -18.94 -6.25
CA VAL B 401 5.88 -18.75 -6.32
C VAL B 401 5.39 -18.20 -4.99
N LEU B 402 5.89 -18.79 -3.90
CA LEU B 402 5.57 -18.34 -2.56
C LEU B 402 6.02 -16.93 -2.26
N LYS B 403 7.25 -16.61 -2.61
CA LYS B 403 7.78 -15.31 -2.26
C LYS B 403 6.91 -14.22 -3.01
N LEU B 404 6.69 -14.41 -4.30
CA LEU B 404 6.02 -13.41 -5.08
C LEU B 404 4.54 -13.26 -4.73
N TYR B 405 3.84 -14.34 -4.48
CA TYR B 405 2.45 -14.28 -4.21
C TYR B 405 2.20 -13.70 -2.81
N ALA B 406 2.83 -14.22 -1.76
CA ALA B 406 2.69 -13.58 -0.48
C ALA B 406 3.12 -12.11 -0.53
N GLY B 407 4.18 -11.89 -1.30
CA GLY B 407 4.74 -10.56 -1.58
C GLY B 407 3.71 -9.56 -2.06
N LYS B 408 2.96 -9.99 -3.07
CA LYS B 408 1.95 -9.17 -3.66
C LYS B 408 0.61 -9.05 -2.84
N GLN B 409 0.34 -9.98 -1.97
CA GLN B 409 -0.75 -9.93 -1.11
C GLN B 409 -0.61 -8.88 0.01
N ALA B 410 0.64 -8.65 0.40
CA ALA B 410 0.94 -8.06 1.66
C ALA B 410 0.53 -6.60 1.74
N VAL B 411 0.95 -5.77 0.81
CA VAL B 411 0.59 -4.34 0.95
C VAL B 411 -0.96 -4.10 0.92
N PRO B 412 -1.66 -4.65 -0.06
CA PRO B 412 -3.11 -4.41 -0.03
C PRO B 412 -3.77 -4.91 1.24
N MET B 413 -3.27 -6.03 1.73
CA MET B 413 -3.84 -6.54 2.91
C MET B 413 -3.56 -5.69 4.15
N VAL B 414 -2.30 -5.35 4.33
CA VAL B 414 -1.95 -4.54 5.47
C VAL B 414 -2.63 -3.15 5.36
N SER B 415 -2.74 -2.66 4.15
CA SER B 415 -3.45 -1.41 3.90
C SER B 415 -4.93 -1.48 4.34
N GLU B 416 -5.58 -2.60 4.11
CA GLU B 416 -6.94 -2.77 4.49
C GLU B 416 -7.00 -2.84 6.01
N GLY B 417 -5.96 -3.44 6.55
CA GLY B 417 -5.85 -3.69 8.00
C GLY B 417 -5.77 -2.39 8.77
N ILE B 418 -4.89 -1.51 8.34
CA ILE B 418 -4.80 -0.28 9.02
C ILE B 418 -6.05 0.56 8.91
N GLU B 419 -6.79 0.43 7.83
CA GLU B 419 -8.04 1.16 7.68
C GLU B 419 -9.13 0.72 8.70
N CYS B 420 -9.07 -0.51 9.18
CA CYS B 420 -9.85 -0.99 10.27
C CYS B 420 -9.74 -0.11 11.50
N PHE B 421 -8.59 0.57 11.68
CA PHE B 421 -8.43 1.49 12.79
C PHE B 421 -8.86 2.92 12.51
N GLY B 422 -9.42 3.21 11.33
CA GLY B 422 -9.72 4.56 10.96
C GLY B 422 -8.45 5.42 10.95
N GLY B 423 -8.63 6.66 11.40
CA GLY B 423 -7.62 7.66 11.45
C GLY B 423 -6.41 7.21 12.20
N GLN B 424 -6.62 6.47 13.30
CA GLN B 424 -5.53 5.95 14.12
C GLN B 424 -4.62 5.07 13.33
N GLY B 425 -5.17 4.33 12.40
CA GLY B 425 -4.30 3.53 11.59
C GLY B 425 -3.22 4.32 10.90
N TYR B 426 -3.48 5.61 10.68
CA TYR B 426 -2.61 6.46 9.87
C TYR B 426 -1.56 7.21 10.68
N MET B 427 -1.59 7.01 11.98
CA MET B 427 -0.72 7.71 12.91
C MET B 427 0.53 6.93 13.27
N GLU B 428 1.70 7.43 12.95
CA GLU B 428 2.91 6.65 13.14
C GLU B 428 3.17 6.27 14.58
N ASP B 429 2.80 7.12 15.52
CA ASP B 429 3.08 6.82 16.92
C ASP B 429 2.27 5.61 17.48
N THR B 430 1.30 5.08 16.74
CA THR B 430 0.69 3.80 17.15
C THR B 430 1.50 2.52 16.86
N GLY B 431 2.47 2.62 15.96
CA GLY B 431 3.18 1.47 15.53
C GLY B 431 2.54 0.86 14.33
N LEU B 432 1.33 1.25 14.00
CA LEU B 432 0.69 0.53 12.89
C LEU B 432 1.24 0.82 11.47
N PRO B 433 1.56 2.09 11.15
CA PRO B 433 1.99 2.31 9.79
C PRO B 433 3.33 1.70 9.50
N THR B 434 4.15 1.52 10.53
CA THR B 434 5.36 0.75 10.36
C THR B 434 5.10 -0.55 9.57
N LEU B 435 4.00 -1.23 9.91
CA LEU B 435 3.69 -2.55 9.33
C LEU B 435 3.46 -2.44 7.81
N LEU B 436 2.87 -1.33 7.44
CA LEU B 436 2.66 -1.05 6.02
C LEU B 436 3.94 -0.67 5.31
N ARG B 437 4.64 0.32 5.85
CA ARG B 437 5.88 0.75 5.24
C ARG B 437 6.91 -0.38 5.14
N ASP B 438 6.98 -1.22 6.15
CA ASP B 438 7.91 -2.35 6.10
C ASP B 438 7.43 -3.50 5.18
N ALA B 439 6.12 -3.72 5.14
CA ALA B 439 5.58 -4.71 4.25
C ALA B 439 5.88 -4.45 2.79
N GLN B 440 5.94 -3.19 2.44
CA GLN B 440 6.13 -2.82 1.09
C GLN B 440 7.53 -3.13 0.60
N VAL B 441 8.48 -3.48 1.47
CA VAL B 441 9.79 -3.92 0.98
C VAL B 441 9.71 -5.30 0.34
N THR B 442 8.75 -6.10 0.78
CA THR B 442 8.72 -7.52 0.54
C THR B 442 8.47 -7.92 -0.94
N PRO B 443 7.60 -7.20 -1.68
CA PRO B 443 7.56 -7.45 -3.12
C PRO B 443 8.69 -6.89 -3.94
N ILE B 444 9.51 -6.06 -3.35
CA ILE B 444 10.50 -5.39 -4.10
C ILE B 444 11.83 -6.14 -4.04
N TRP B 445 12.34 -6.38 -2.84
CA TRP B 445 13.67 -6.99 -2.77
C TRP B 445 13.67 -8.49 -2.88
N GLU B 446 14.85 -8.97 -3.17
CA GLU B 446 15.11 -10.36 -3.47
C GLU B 446 14.28 -10.77 -4.68
N GLY B 447 14.13 -9.85 -5.64
CA GLY B 447 13.32 -10.13 -6.81
C GLY B 447 11.88 -9.54 -6.76
N THR B 448 11.53 -8.77 -7.76
CA THR B 448 10.22 -8.22 -7.82
C THR B 448 9.27 -9.31 -8.23
N THR B 449 8.00 -9.02 -8.07
CA THR B 449 6.94 -9.90 -8.48
C THR B 449 7.12 -10.48 -9.87
N ASN B 450 7.36 -9.62 -10.83
CA ASN B 450 7.47 -10.03 -12.22
C ASN B 450 8.81 -10.76 -12.51
N VAL B 451 9.91 -10.36 -11.89
CA VAL B 451 11.18 -11.08 -12.12
C VAL B 451 11.09 -12.51 -11.58
N LEU B 452 10.54 -12.67 -10.37
CA LEU B 452 10.26 -13.99 -9.80
C LEU B 452 9.25 -14.79 -10.61
N SER B 453 8.25 -14.11 -11.18
CA SER B 453 7.33 -14.78 -12.08
C SER B 453 8.04 -15.38 -13.30
N LEU B 454 8.97 -14.66 -13.87
CA LEU B 454 9.88 -15.26 -14.89
C LEU B 454 10.71 -16.42 -14.34
N ASP B 455 11.09 -16.32 -13.08
CA ASP B 455 11.88 -17.39 -12.50
C ASP B 455 11.02 -18.61 -12.49
N VAL B 456 9.72 -18.44 -12.21
CA VAL B 456 8.82 -19.54 -12.26
C VAL B 456 8.79 -20.18 -13.67
N LEU B 457 8.77 -19.36 -14.72
CA LEU B 457 8.81 -19.91 -16.07
C LEU B 457 10.14 -20.58 -16.32
N ARG B 458 11.22 -19.96 -15.94
CA ARG B 458 12.54 -20.58 -16.09
C ARG B 458 12.61 -21.94 -15.31
N VAL B 459 11.92 -22.10 -14.18
CA VAL B 459 11.79 -23.40 -13.52
C VAL B 459 11.12 -24.39 -14.47
N PHE B 460 10.06 -23.94 -15.15
CA PHE B 460 9.38 -24.74 -16.16
C PHE B 460 10.19 -25.06 -17.40
N SER B 461 11.02 -24.11 -17.83
CA SER B 461 11.86 -24.26 -19.00
C SER B 461 12.99 -25.26 -18.83
N GLY B 462 13.44 -25.47 -17.59
CA GLY B 462 14.48 -26.47 -17.27
C GLY B 462 14.12 -27.90 -17.63
N LYS B 463 12.99 -28.38 -17.12
CA LYS B 463 12.28 -29.59 -17.66
C LYS B 463 12.71 -31.04 -17.24
N GLU B 464 12.38 -31.36 -16.00
CA GLU B 464 11.76 -32.62 -15.65
C GLU B 464 10.33 -32.15 -15.65
N ASN B 465 9.35 -33.03 -15.76
CA ASN B 465 8.03 -32.50 -15.94
C ASN B 465 7.48 -31.85 -14.68
N ILE B 466 7.83 -30.59 -14.51
CA ILE B 466 7.41 -29.82 -13.35
C ILE B 466 5.90 -29.85 -13.23
N LEU B 467 5.27 -29.58 -14.34
CA LEU B 467 3.85 -29.51 -14.39
C LEU B 467 3.18 -30.83 -14.01
N LEU B 468 3.71 -31.92 -14.52
CA LEU B 468 3.14 -33.22 -14.16
C LEU B 468 3.35 -33.42 -12.67
N ALA B 469 4.57 -33.14 -12.27
CA ALA B 469 4.88 -33.21 -10.87
C ALA B 469 3.92 -32.32 -10.07
N PHE B 470 3.67 -31.11 -10.54
CA PHE B 470 2.70 -30.24 -9.86
C PHE B 470 1.38 -30.97 -9.78
N GLY B 471 1.01 -31.62 -10.87
CA GLY B 471 -0.21 -32.40 -10.92
C GLY B 471 -0.30 -33.50 -9.88
N LYS B 472 0.78 -34.25 -9.72
CA LYS B 472 0.74 -35.37 -8.77
C LYS B 472 0.64 -34.89 -7.32
N ARG B 473 1.32 -33.78 -7.04
CA ARG B 473 1.36 -33.20 -5.72
C ARG B 473 -0.03 -32.75 -5.39
N VAL B 474 -0.69 -32.15 -6.35
CA VAL B 474 -2.01 -31.66 -6.07
C VAL B 474 -2.95 -32.82 -5.84
N GLU B 475 -2.78 -33.84 -6.65
CA GLU B 475 -3.58 -35.03 -6.54
C GLU B 475 -3.43 -35.72 -5.17
N GLN B 476 -2.20 -35.80 -4.68
CA GLN B 476 -1.96 -36.34 -3.34
C GLN B 476 -2.76 -35.55 -2.31
N LEU B 477 -2.73 -34.23 -2.44
CA LEU B 477 -3.39 -33.38 -1.48
C LEU B 477 -4.89 -33.55 -1.56
N LEU B 478 -5.39 -33.72 -2.79
CA LEU B 478 -6.82 -33.85 -2.98
C LEU B 478 -7.33 -35.27 -2.61
N GLY B 479 -6.45 -36.27 -2.74
CA GLY B 479 -6.81 -37.67 -2.51
C GLY B 479 -7.48 -38.02 -1.19
N ASN B 480 -7.24 -37.28 -0.12
CA ASN B 480 -7.96 -37.54 1.13
C ASN B 480 -8.91 -36.41 1.46
N THR B 481 -9.49 -35.82 0.42
CA THR B 481 -10.62 -34.88 0.53
C THR B 481 -11.77 -35.56 1.26
N LYS B 482 -12.30 -34.92 2.29
CA LYS B 482 -13.53 -35.40 2.90
C LYS B 482 -14.73 -35.06 2.00
N THR B 483 -14.83 -35.75 0.86
CA THR B 483 -15.90 -35.51 -0.13
C THR B 483 -17.34 -35.59 0.42
N GLU B 484 -17.52 -36.30 1.54
CA GLU B 484 -18.81 -36.43 2.20
C GLU B 484 -19.32 -35.07 2.67
N ASP B 485 -18.43 -34.13 2.97
CA ASP B 485 -18.81 -32.73 3.20
C ASP B 485 -18.98 -31.99 1.86
N GLU B 486 -20.17 -31.44 1.65
CA GLU B 486 -20.56 -30.92 0.35
C GLU B 486 -19.62 -29.76 -0.11
N LYS B 487 -19.22 -28.92 0.82
CA LYS B 487 -18.38 -27.79 0.48
C LYS B 487 -16.95 -28.22 0.08
N LEU B 488 -16.41 -29.22 0.76
CA LEU B 488 -15.08 -29.70 0.41
C LEU B 488 -15.08 -30.41 -0.90
N LYS B 489 -16.19 -31.05 -1.24
CA LYS B 489 -16.29 -31.68 -2.55
C LYS B 489 -16.26 -30.61 -3.61
N LYS B 490 -17.05 -29.57 -3.42
CA LYS B 490 -17.09 -28.53 -4.44
C LYS B 490 -15.70 -27.93 -4.56
N SER B 491 -15.05 -27.75 -3.43
CA SER B 491 -13.71 -27.19 -3.44
C SER B 491 -12.75 -28.02 -4.23
N LYS B 492 -12.83 -29.32 -4.04
CA LYS B 492 -11.97 -30.23 -4.71
C LYS B 492 -12.17 -30.13 -6.18
N GLU B 493 -13.42 -29.96 -6.57
CA GLU B 493 -13.78 -29.89 -7.96
C GLU B 493 -13.26 -28.60 -8.61
N ALA B 494 -13.26 -27.50 -7.86
CA ALA B 494 -12.75 -26.22 -8.38
C ALA B 494 -11.24 -26.29 -8.62
N VAL B 495 -10.52 -26.81 -7.64
CA VAL B 495 -9.10 -26.93 -7.76
C VAL B 495 -8.77 -27.80 -8.97
N GLU B 496 -9.51 -28.89 -9.09
CA GLU B 496 -9.27 -29.89 -10.14
C GLU B 496 -9.45 -29.32 -11.54
N SER B 497 -10.55 -28.60 -11.68
CA SER B 497 -10.92 -27.97 -12.95
C SER B 497 -9.87 -26.91 -13.34
N ALA B 498 -9.44 -26.12 -12.35
CA ALA B 498 -8.43 -25.09 -12.58
C ALA B 498 -7.11 -25.67 -13.00
N LEU B 499 -6.71 -26.73 -12.30
CA LEU B 499 -5.49 -27.45 -12.67
C LEU B 499 -5.52 -27.92 -14.10
N LYS B 500 -6.64 -28.53 -14.45
CA LYS B 500 -6.85 -29.03 -15.79
C LYS B 500 -6.81 -27.93 -16.84
N GLN B 501 -7.38 -26.76 -16.56
CA GLN B 501 -7.28 -25.63 -17.48
C GLN B 501 -5.88 -25.09 -17.63
N LEU B 502 -5.16 -25.04 -16.54
CA LEU B 502 -3.82 -24.50 -16.60
C LEU B 502 -2.97 -25.42 -17.42
N GLN B 503 -3.16 -26.71 -17.24
CA GLN B 503 -2.36 -27.65 -18.02
C GLN B 503 -2.60 -27.46 -19.52
N LYS B 504 -3.87 -27.41 -19.88
CA LYS B 504 -4.29 -27.22 -21.27
C LYS B 504 -3.70 -25.97 -21.88
N LEU B 505 -3.72 -24.87 -21.14
CA LEU B 505 -3.25 -23.63 -21.70
C LEU B 505 -1.76 -23.69 -21.94
N LEU B 506 -1.04 -24.30 -21.02
CA LEU B 506 0.40 -24.34 -21.13
C LEU B 506 0.87 -25.32 -22.15
N VAL B 507 0.07 -26.35 -22.40
CA VAL B 507 0.35 -27.34 -23.44
C VAL B 507 0.23 -26.63 -24.78
N LYS B 508 -0.91 -25.96 -24.93
CA LYS B 508 -1.24 -25.14 -26.09
C LYS B 508 -0.16 -24.11 -26.36
N ALA B 509 0.27 -23.46 -25.31
CA ALA B 509 1.22 -22.39 -25.43
C ALA B 509 2.47 -22.97 -25.99
N SER B 510 2.86 -24.13 -25.47
CA SER B 510 4.18 -24.69 -25.75
C SER B 510 4.35 -25.08 -27.23
N ASP B 511 3.28 -25.65 -27.81
CA ASP B 511 3.21 -25.96 -29.24
C ASP B 511 3.33 -24.73 -30.17
N SER B 512 2.49 -23.72 -29.87
CA SER B 512 2.27 -22.55 -30.73
C SER B 512 3.45 -21.58 -30.84
N ALA B 513 4.36 -21.59 -29.88
CA ALA B 513 5.44 -20.60 -29.82
C ALA B 513 6.47 -20.63 -30.98
N ILE B 514 6.59 -21.73 -31.70
CA ILE B 514 7.55 -21.76 -32.83
C ILE B 514 7.01 -20.90 -33.97
N GLN B 515 5.69 -20.83 -34.01
CA GLN B 515 4.95 -19.98 -34.94
C GLN B 515 5.12 -18.47 -34.66
N GLY B 516 5.79 -18.08 -33.57
CA GLY B 516 6.11 -16.67 -33.33
C GLY B 516 5.01 -15.84 -32.63
N GLU B 517 3.76 -16.27 -32.69
CA GLU B 517 2.67 -15.38 -32.33
C GLU B 517 2.17 -15.52 -30.85
N THR B 518 3.08 -15.81 -29.92
CA THR B 518 2.74 -16.31 -28.60
C THR B 518 3.81 -15.85 -27.63
N ARG B 519 3.41 -15.27 -26.49
CA ARG B 519 4.38 -14.68 -25.60
C ARG B 519 3.99 -14.97 -24.18
N ILE B 520 4.45 -16.17 -23.79
CA ILE B 520 4.17 -16.72 -22.49
C ILE B 520 4.69 -15.84 -21.38
N ASP B 521 5.75 -15.10 -21.65
CA ASP B 521 6.30 -14.19 -20.66
C ASP B 521 5.31 -13.15 -20.19
N SER B 522 4.46 -12.75 -21.10
CA SER B 522 3.61 -11.64 -20.92
C SER B 522 2.59 -11.88 -19.83
N VAL B 523 2.17 -13.14 -19.73
CA VAL B 523 1.29 -13.65 -18.70
C VAL B 523 1.95 -14.44 -17.57
N ALA B 524 3.22 -14.17 -17.26
CA ALA B 524 3.99 -15.00 -16.33
C ALA B 524 3.42 -14.83 -14.92
N ARG B 525 3.05 -13.60 -14.60
CA ARG B 525 2.46 -13.35 -13.30
C ARG B 525 1.16 -14.13 -13.09
N HIS B 526 0.31 -14.14 -14.10
CA HIS B 526 -0.99 -14.85 -14.00
C HIS B 526 -0.79 -16.33 -13.91
N ILE B 527 0.20 -16.80 -14.64
CA ILE B 527 0.61 -18.18 -14.50
C ILE B 527 1.07 -18.47 -13.07
N ALA B 528 2.00 -17.68 -12.57
CA ALA B 528 2.50 -17.93 -11.21
C ALA B 528 1.40 -17.76 -10.13
N PHE B 529 0.49 -16.83 -10.35
CA PHE B 529 -0.65 -16.60 -9.44
C PHE B 529 -1.53 -17.83 -9.41
N THR B 530 -1.63 -18.47 -10.54
CA THR B 530 -2.48 -19.61 -10.65
C THR B 530 -1.94 -20.83 -9.90
N ILE B 531 -0.66 -21.10 -10.09
CA ILE B 531 0.00 -22.16 -9.37
C ILE B 531 -0.16 -21.98 -7.87
N ALA B 532 0.11 -20.78 -7.39
CA ALA B 532 -0.03 -20.43 -6.00
C ALA B 532 -1.45 -20.68 -5.53
N ARG B 533 -2.44 -20.33 -6.31
CA ARG B 533 -3.77 -20.51 -5.81
C ARG B 533 -4.20 -21.95 -5.76
N ILE B 534 -3.81 -22.68 -6.78
CA ILE B 534 -4.14 -24.06 -6.86
C ILE B 534 -3.49 -24.83 -5.73
N TYR B 535 -2.20 -24.63 -5.58
CA TYR B 535 -1.41 -25.30 -4.59
C TYR B 535 -1.97 -24.93 -3.17
N SER B 536 -2.16 -23.64 -2.94
CA SER B 536 -2.64 -23.19 -1.67
C SER B 536 -4.03 -23.80 -1.41
N GLY B 537 -4.88 -23.84 -2.42
CA GLY B 537 -6.18 -24.38 -2.24
C GLY B 537 -6.16 -25.83 -1.87
N ALA B 538 -5.34 -26.60 -2.55
CA ALA B 538 -5.24 -28.02 -2.25
C ALA B 538 -4.79 -28.25 -0.81
N LEU B 539 -3.86 -27.43 -0.35
CA LEU B 539 -3.37 -27.56 1.01
C LEU B 539 -4.44 -27.20 2.02
N LEU B 540 -5.25 -26.20 1.74
CA LEU B 540 -6.33 -25.87 2.65
C LEU B 540 -7.31 -26.99 2.74
N ILE B 541 -7.54 -27.63 1.61
CA ILE B 541 -8.44 -28.75 1.57
C ILE B 541 -7.93 -29.93 2.38
N ASP B 542 -6.67 -30.26 2.20
CA ASP B 542 -6.08 -31.36 2.92
C ASP B 542 -6.15 -30.99 4.37
N HIS B 543 -5.84 -29.73 4.65
CA HIS B 543 -5.83 -29.28 6.04
C HIS B 543 -7.22 -29.44 6.66
N ALA B 544 -8.26 -29.02 5.93
CA ALA B 544 -9.60 -29.09 6.48
C ALA B 544 -10.12 -30.54 6.59
N SER B 545 -9.41 -31.50 6.02
CA SER B 545 -9.86 -32.88 6.01
C SER B 545 -9.31 -33.69 7.16
N ASP B 546 -8.37 -33.13 7.92
CA ASP B 546 -7.86 -33.86 9.02
C ASP B 546 -8.72 -33.53 10.16
N SER B 547 -9.63 -34.43 10.48
CA SER B 547 -10.66 -34.10 11.43
C SER B 547 -10.13 -34.37 12.81
N SER B 548 -8.90 -34.86 12.90
CA SER B 548 -8.25 -34.92 14.20
C SER B 548 -7.88 -33.51 14.63
N VAL B 549 -7.72 -32.60 13.66
CA VAL B 549 -7.40 -31.20 13.95
C VAL B 549 -8.40 -30.15 13.38
N ALA B 550 -8.95 -30.40 12.20
CA ALA B 550 -9.78 -29.41 11.54
C ALA B 550 -10.96 -28.99 12.41
N ASN B 551 -11.28 -27.70 12.39
CA ASN B 551 -12.59 -27.27 12.89
C ASN B 551 -13.46 -26.79 11.73
N GLN B 552 -14.63 -26.29 12.04
CA GLN B 552 -15.54 -25.80 11.00
C GLN B 552 -14.95 -24.65 10.18
N SER B 553 -14.28 -23.74 10.87
CA SER B 553 -13.70 -22.62 10.20
C SER B 553 -12.84 -23.14 9.06
N ASP B 554 -12.13 -24.25 9.26
CA ASP B 554 -11.13 -24.70 8.29
C ASP B 554 -11.82 -25.09 6.99
N ILE B 555 -13.01 -25.63 7.16
CA ILE B 555 -13.83 -26.04 6.06
C ILE B 555 -14.39 -24.84 5.32
N GLU B 556 -14.93 -23.87 6.05
CA GLU B 556 -15.41 -22.67 5.39
C GLU B 556 -14.31 -22.01 4.61
N VAL B 557 -13.14 -21.93 5.22
CA VAL B 557 -11.98 -21.29 4.63
C VAL B 557 -11.58 -21.96 3.34
N ALA B 558 -11.53 -23.28 3.36
CA ALA B 558 -11.11 -24.03 2.17
C ALA B 558 -12.09 -23.74 1.04
N TYR B 559 -13.38 -23.76 1.37
CA TYR B 559 -14.42 -23.48 0.42
C TYR B 559 -14.31 -22.09 -0.12
N ARG B 560 -14.15 -21.12 0.75
CA ARG B 560 -14.10 -19.76 0.25
C ARG B 560 -12.87 -19.51 -0.58
N TYR B 561 -11.74 -20.08 -0.19
CA TYR B 561 -10.51 -19.85 -0.94
C TYR B 561 -10.65 -20.43 -2.32
N CYS B 562 -11.28 -21.58 -2.42
CA CYS B 562 -11.27 -22.33 -3.62
C CYS B 562 -12.36 -21.89 -4.59
N CYS B 563 -13.56 -21.61 -4.07
CA CYS B 563 -14.74 -21.41 -4.88
C CYS B 563 -15.28 -20.00 -4.97
N GLU B 564 -14.92 -19.13 -4.04
CA GLU B 564 -15.42 -17.76 -4.01
C GLU B 564 -14.47 -16.77 -4.67
N GLN B 565 -13.37 -17.26 -5.24
CA GLN B 565 -12.50 -16.40 -6.05
C GLN B 565 -11.86 -17.27 -7.14
N PRO B 566 -11.45 -16.68 -8.28
CA PRO B 566 -10.90 -17.54 -9.31
C PRO B 566 -9.54 -18.12 -8.95
N LEU B 567 -9.44 -19.43 -9.06
CA LEU B 567 -8.20 -20.10 -8.89
C LEU B 567 -7.33 -19.79 -10.08
N ILE B 568 -7.90 -19.82 -11.26
CA ILE B 568 -7.13 -19.46 -12.43
C ILE B 568 -7.81 -18.26 -13.08
N ASP B 569 -7.00 -17.28 -13.43
CA ASP B 569 -7.39 -16.10 -14.09
C ASP B 569 -6.39 -15.99 -15.22
N LEU B 570 -6.74 -16.60 -16.33
CA LEU B 570 -5.80 -16.72 -17.39
C LEU B 570 -6.49 -17.20 -18.66
N ARG B 571 -6.31 -16.45 -19.73
CA ARG B 571 -7.01 -16.73 -20.95
C ARG B 571 -6.06 -16.85 -22.06
N TRP B 572 -6.46 -17.69 -23.00
CA TRP B 572 -5.60 -17.99 -24.13
C TRP B 572 -5.19 -16.73 -24.88
N GLU B 573 -6.13 -15.89 -25.17
CA GLU B 573 -5.87 -14.73 -26.01
C GLU B 573 -4.84 -13.79 -25.39
N TRP B 574 -4.72 -13.77 -24.06
CA TRP B 574 -3.67 -12.98 -23.40
C TRP B 574 -2.25 -13.50 -23.76
N PHE B 575 -2.17 -14.66 -24.38
CA PHE B 575 -0.89 -15.19 -24.86
C PHE B 575 -0.47 -14.68 -26.22
N ALA B 576 -1.45 -14.25 -26.99
CA ALA B 576 -1.25 -13.80 -28.34
C ALA B 576 -0.22 -12.67 -28.40
N SER B 577 0.60 -12.60 -29.43
CA SER B 577 1.61 -11.56 -29.52
C SER B 577 1.00 -10.23 -29.92
N GLU B 578 -0.11 -10.27 -30.65
CA GLU B 578 -0.85 -9.04 -31.01
C GLU B 578 -1.21 -8.28 -29.72
N ARG B 579 -1.63 -9.04 -28.70
CA ARG B 579 -1.98 -8.49 -27.42
C ARG B 579 -0.93 -7.52 -26.92
N VAL B 580 0.34 -7.82 -27.18
CA VAL B 580 1.45 -6.95 -26.72
C VAL B 580 1.49 -5.60 -27.37
N LYS B 581 1.05 -5.56 -28.62
CA LYS B 581 0.98 -4.31 -29.35
C LYS B 581 -0.17 -3.48 -28.77
N ALA B 582 -1.25 -4.14 -28.41
CA ALA B 582 -2.36 -3.44 -27.79
C ALA B 582 -1.89 -2.90 -26.44
N ASP B 583 -1.09 -3.68 -25.71
CA ASP B 583 -0.64 -3.26 -24.42
C ASP B 583 0.10 -1.93 -24.46
N ARG B 584 0.98 -1.77 -25.43
CA ARG B 584 1.83 -0.57 -25.50
C ARG B 584 1.11 0.64 -26.03
N GLU B 585 0.16 0.43 -26.93
CA GLU B 585 -0.68 1.52 -27.35
C GLU B 585 -1.44 2.12 -26.15
N ILE B 586 -1.88 1.26 -25.24
CA ILE B 586 -2.59 1.70 -24.08
C ILE B 586 -1.65 2.48 -23.19
N VAL B 587 -0.53 1.88 -22.84
CA VAL B 587 0.33 2.45 -21.87
C VAL B 587 0.96 3.78 -22.30
N PHE B 588 1.33 3.85 -23.55
CA PHE B 588 2.11 4.98 -24.15
C PHE B 588 1.31 6.01 -24.92
N ASP B 589 0.00 5.89 -24.80
CA ASP B 589 -0.94 6.92 -25.30
C ASP B 589 -0.56 8.35 -24.86
N ASN B 590 -0.23 9.19 -25.84
CA ASN B 590 0.10 10.62 -25.64
C ASN B 590 1.42 10.86 -24.90
N PHE B 591 2.27 9.86 -24.88
CA PHE B 591 3.56 10.00 -24.22
C PHE B 591 4.49 10.94 -25.03
N THR B 592 5.06 11.92 -24.31
CA THR B 592 5.96 12.94 -24.89
C THR B 592 7.35 12.34 -25.25
N ALA B 593 7.56 12.05 -26.54
CA ALA B 593 8.79 11.40 -26.99
C ALA B 593 9.94 12.42 -27.02
#